data_4Y17
#
_entry.id   4Y17
#
_cell.length_a   88.486
_cell.length_b   92.430
_cell.length_c   118.995
_cell.angle_alpha   90.00
_cell.angle_beta   90.00
_cell.angle_gamma   90.00
#
_symmetry.space_group_name_H-M   'P 21 21 2'
#
loop_
_entity.id
_entity.type
_entity.pdbx_description
1 polymer 'Transcriptional regulator of ftsQAZ gene cluster'
2 non-polymer '3-OXO-OCTANOIC ACID (2-OXO-TETRAHYDRO-FURAN-3-YL)-AMIDE'
3 water water
#
_entity_poly.entity_id   1
_entity_poly.type   'polypeptide(L)'
_entity_poly.pdbx_seq_one_letter_code
;MQDTDFFSWRRTMLLRFQRMETAEEVYHEIELQAQQLEYDYYSLCVRHPVPFTRPKVAFYTNYPEAWVSYYQAKNFLAID
PVLNPENFSQGHLMWNDDLFNEAQPLWEAARAHGLRRGVTQYLMLPNRALGFLSFSRCSAREIPILSDELQLKMQLLVRE
SLMALMRLNDEIVMTPEMNFSKREKEILRWTAEGKTSAEIAMILSISENTVNFHQKNMQKKINAPNKTQVACYAAATGLI
HHHHHH
;
_entity_poly.pdbx_strand_id   A,B,C
#
loop_
_chem_comp.id
_chem_comp.type
_chem_comp.name
_chem_comp.formula
LAE non-polymer '3-OXO-OCTANOIC ACID (2-OXO-TETRAHYDRO-FURAN-3-YL)-AMIDE' 'C12 H19 N O4'
#
# COMPACT_ATOMS: atom_id res chain seq x y z
N ASP A 5 -25.97 2.30 4.58
CA ASP A 5 -25.21 1.54 5.56
C ASP A 5 -23.71 1.73 5.35
N PHE A 6 -23.32 1.99 4.10
CA PHE A 6 -21.95 2.34 3.80
C PHE A 6 -21.69 3.78 4.24
N PHE A 7 -22.68 4.63 4.00
CA PHE A 7 -22.58 6.04 4.36
C PHE A 7 -22.33 6.20 5.85
N SER A 8 -22.79 5.23 6.64
CA SER A 8 -22.56 5.24 8.07
C SER A 8 -21.11 4.88 8.38
N TRP A 9 -20.50 4.04 7.53
CA TRP A 9 -19.08 3.74 7.65
C TRP A 9 -18.24 4.98 7.39
N ARG A 10 -18.58 5.70 6.32
CA ARG A 10 -17.88 6.92 5.96
C ARG A 10 -17.91 7.88 7.14
N ARG A 11 -19.10 8.04 7.71
CA ARG A 11 -19.32 8.98 8.82
C ARG A 11 -18.55 8.61 10.07
N THR A 12 -18.45 7.32 10.37
CA THR A 12 -17.73 6.87 11.55
C THR A 12 -16.24 7.11 11.32
N MET A 13 -15.75 6.73 10.15
CA MET A 13 -14.35 6.93 9.81
C MET A 13 -14.02 8.42 9.87
N LEU A 14 -14.95 9.24 9.39
CA LEU A 14 -14.77 10.68 9.46
C LEU A 14 -14.73 11.13 10.92
N LEU A 15 -15.58 10.55 11.76
CA LEU A 15 -15.58 10.90 13.17
C LEU A 15 -14.32 10.43 13.88
N ARG A 16 -13.88 9.22 13.55
CA ARG A 16 -12.70 8.63 14.16
C ARG A 16 -11.44 9.45 13.90
N PHE A 17 -11.14 9.72 12.63
CA PHE A 17 -9.88 10.37 12.27
C PHE A 17 -9.79 11.81 12.76
N GLN A 18 -10.94 12.48 12.85
CA GLN A 18 -10.97 13.89 13.28
C GLN A 18 -10.70 14.03 14.77
N ARG A 19 -10.89 12.95 15.52
CA ARG A 19 -10.75 12.97 16.98
C ARG A 19 -9.48 12.27 17.45
N MET A 20 -8.59 11.96 16.51
CA MET A 20 -7.31 11.34 16.86
C MET A 20 -6.32 12.37 17.38
N GLU A 21 -5.55 11.95 18.39
CA GLU A 21 -4.57 12.79 19.06
C GLU A 21 -3.17 12.27 18.82
N THR A 22 -3.09 11.09 18.22
CA THR A 22 -1.84 10.37 18.07
C THR A 22 -1.64 9.69 16.71
N ALA A 23 -0.38 9.63 16.28
CA ALA A 23 -0.01 9.00 15.01
C ALA A 23 -0.24 7.50 15.09
N GLU A 24 0.08 6.93 16.24
CA GLU A 24 -0.13 5.52 16.50
C GLU A 24 -1.59 5.12 16.33
N GLU A 25 -2.49 6.04 16.63
CA GLU A 25 -3.92 5.80 16.45
C GLU A 25 -4.26 5.78 14.96
N VAL A 26 -3.59 6.63 14.20
CA VAL A 26 -3.81 6.69 12.76
C VAL A 26 -3.33 5.40 12.10
N TYR A 27 -2.10 5.01 12.40
CA TYR A 27 -1.52 3.80 11.84
C TYR A 27 -2.24 2.53 12.30
N HIS A 28 -2.77 2.56 13.52
CA HIS A 28 -3.51 1.41 14.03
C HIS A 28 -4.83 1.28 13.29
N GLU A 29 -5.52 2.40 13.09
CA GLU A 29 -6.80 2.40 12.42
C GLU A 29 -6.65 1.86 11.00
N ILE A 30 -5.58 2.27 10.32
CA ILE A 30 -5.28 1.75 8.99
C ILE A 30 -5.05 0.25 9.08
N GLU A 31 -4.37 -0.19 10.14
CA GLU A 31 -4.09 -1.60 10.33
C GLU A 31 -5.39 -2.40 10.46
N LEU A 32 -6.33 -1.89 11.26
CA LEU A 32 -7.65 -2.52 11.43
C LEU A 32 -8.48 -2.53 10.15
N GLN A 33 -8.60 -1.38 9.50
CA GLN A 33 -9.41 -1.28 8.30
C GLN A 33 -8.86 -2.17 7.20
N ALA A 34 -7.53 -2.24 7.09
CA ALA A 34 -6.89 -3.14 6.14
C ALA A 34 -7.26 -4.60 6.43
N GLN A 35 -7.32 -4.94 7.71
CA GLN A 35 -7.64 -6.30 8.12
C GLN A 35 -9.12 -6.62 7.96
N GLN A 36 -9.99 -5.66 8.21
CA GLN A 36 -11.42 -5.84 7.94
C GLN A 36 -11.67 -6.16 6.48
N LEU A 37 -10.74 -5.78 5.61
CA LEU A 37 -10.88 -5.98 4.17
C LEU A 37 -10.02 -7.14 3.68
N GLU A 38 -9.70 -8.06 4.59
CA GLU A 38 -8.98 -9.29 4.24
C GLU A 38 -7.58 -9.00 3.67
N TYR A 39 -6.96 -7.93 4.16
CA TYR A 39 -5.57 -7.62 3.83
C TYR A 39 -4.71 -7.68 5.09
N ASP A 40 -3.51 -8.22 4.96
CA ASP A 40 -2.63 -8.44 6.11
C ASP A 40 -1.73 -7.24 6.38
N TYR A 41 -1.18 -6.67 5.32
CA TYR A 41 -0.20 -5.59 5.42
C TYR A 41 -0.65 -4.29 4.76
N TYR A 42 -0.41 -3.18 5.45
CA TYR A 42 -0.64 -1.85 4.90
C TYR A 42 0.70 -1.14 4.77
N SER A 43 0.76 -0.15 3.89
CA SER A 43 1.96 0.67 3.74
C SER A 43 1.57 2.06 3.27
N LEU A 44 1.94 3.07 4.06
CA LEU A 44 1.59 4.45 3.76
C LEU A 44 2.85 5.23 3.39
N CYS A 45 2.92 5.65 2.13
CA CYS A 45 4.11 6.30 1.59
C CYS A 45 3.80 7.70 1.06
N VAL A 46 4.74 8.62 1.25
CA VAL A 46 4.55 10.01 0.82
C VAL A 46 5.76 10.50 0.05
N ARG A 47 5.53 10.96 -1.18
CA ARG A 47 6.56 11.60 -1.98
C ARG A 47 6.36 13.11 -2.00
N HIS A 48 7.33 13.84 -1.44
CA HIS A 48 7.25 15.30 -1.39
C HIS A 48 7.58 15.89 -2.76
N PRO A 49 7.11 17.12 -3.02
CA PRO A 49 7.34 17.74 -4.33
C PRO A 49 8.76 18.30 -4.49
N VAL A 50 9.50 18.40 -3.40
CA VAL A 50 10.87 18.91 -3.45
C VAL A 50 11.80 18.07 -2.56
N PRO A 51 13.11 18.04 -2.88
CA PRO A 51 13.76 18.70 -4.02
C PRO A 51 13.33 18.10 -5.36
N PHE A 52 13.45 18.90 -6.43
CA PHE A 52 12.91 18.52 -7.73
C PHE A 52 13.64 17.35 -8.38
N THR A 53 14.93 17.20 -8.07
CA THR A 53 15.75 16.18 -8.70
C THR A 53 15.79 14.89 -7.89
N ARG A 54 15.66 15.00 -6.56
CA ARG A 54 15.65 13.85 -5.67
C ARG A 54 14.59 14.02 -4.59
N PRO A 55 13.30 14.01 -4.99
CA PRO A 55 12.20 14.27 -4.06
C PRO A 55 12.25 13.38 -2.82
N LYS A 56 12.03 13.98 -1.66
CA LYS A 56 12.10 13.23 -0.41
C LYS A 56 10.91 12.26 -0.28
N VAL A 57 11.20 11.05 0.17
CA VAL A 57 10.19 10.02 0.34
C VAL A 57 10.23 9.39 1.74
N ALA A 58 9.16 9.61 2.50
CA ALA A 58 9.00 8.99 3.82
C ALA A 58 7.87 7.96 3.76
N PHE A 59 7.93 6.95 4.61
CA PHE A 59 6.88 5.93 4.65
C PHE A 59 6.75 5.30 6.04
N TYR A 60 5.64 4.61 6.26
CA TYR A 60 5.41 3.88 7.51
C TYR A 60 4.54 2.66 7.19
N THR A 61 4.97 1.49 7.64
CA THR A 61 4.30 0.24 7.27
C THR A 61 4.43 -0.84 8.35
N ASN A 62 3.54 -1.84 8.28
CA ASN A 62 3.63 -3.01 9.14
C ASN A 62 4.11 -4.21 8.34
N TYR A 63 4.78 -3.93 7.22
CA TYR A 63 5.43 -4.98 6.44
C TYR A 63 6.43 -5.73 7.32
N PRO A 64 6.75 -6.99 6.95
CA PRO A 64 7.79 -7.75 7.65
C PRO A 64 9.14 -7.06 7.58
N GLU A 65 9.86 -6.99 8.70
CA GLU A 65 11.13 -6.28 8.77
C GLU A 65 12.12 -6.73 7.69
N ALA A 66 12.10 -8.01 7.38
CA ALA A 66 12.98 -8.58 6.37
C ALA A 66 12.71 -8.01 4.98
N TRP A 67 11.43 -7.81 4.66
CA TRP A 67 11.05 -7.31 3.34
C TRP A 67 11.35 -5.81 3.20
N VAL A 68 11.14 -5.05 4.26
CA VAL A 68 11.45 -3.64 4.26
C VAL A 68 12.95 -3.45 4.02
N SER A 69 13.76 -4.17 4.79
CA SER A 69 15.21 -4.11 4.66
C SER A 69 15.67 -4.47 3.25
N TYR A 70 15.04 -5.48 2.66
CA TYR A 70 15.43 -5.91 1.32
C TYR A 70 15.03 -4.86 0.29
N TYR A 71 13.83 -4.31 0.46
CA TYR A 71 13.28 -3.32 -0.45
C TYR A 71 14.17 -2.08 -0.51
N GLN A 72 14.59 -1.60 0.65
CA GLN A 72 15.45 -0.43 0.71
C GLN A 72 16.85 -0.70 0.16
N ALA A 73 17.40 -1.87 0.49
CA ALA A 73 18.75 -2.23 0.05
C ALA A 73 18.88 -2.19 -1.46
N LYS A 74 17.88 -2.74 -2.16
CA LYS A 74 17.91 -2.80 -3.62
C LYS A 74 17.43 -1.50 -4.27
N ASN A 75 17.06 -0.52 -3.43
CA ASN A 75 16.57 0.77 -3.91
C ASN A 75 15.38 0.60 -4.84
N PHE A 76 14.31 0.00 -4.31
CA PHE A 76 13.14 -0.28 -5.13
C PHE A 76 12.18 0.90 -5.20
N LEU A 77 12.33 1.87 -4.31
CA LEU A 77 11.52 3.08 -4.37
C LEU A 77 11.66 3.76 -5.72
N ALA A 78 12.87 3.68 -6.27
CA ALA A 78 13.19 4.40 -7.50
C ALA A 78 12.54 3.77 -8.74
N ILE A 79 11.98 2.58 -8.60
CA ILE A 79 11.44 1.84 -9.74
C ILE A 79 10.09 1.18 -9.46
N ASP A 80 9.51 1.46 -8.30
CA ASP A 80 8.23 0.88 -7.93
C ASP A 80 7.10 1.50 -8.77
N PRO A 81 6.42 0.69 -9.58
CA PRO A 81 5.34 1.24 -10.40
C PRO A 81 4.11 1.62 -9.56
N VAL A 82 3.99 1.05 -8.38
CA VAL A 82 2.89 1.34 -7.48
C VAL A 82 2.94 2.81 -7.04
N LEU A 83 4.13 3.39 -7.10
CA LEU A 83 4.36 4.77 -6.67
C LEU A 83 4.40 5.73 -7.86
N ASN A 84 3.99 5.24 -9.03
CA ASN A 84 3.96 6.04 -10.25
C ASN A 84 2.52 6.41 -10.59
N PRO A 85 2.16 7.71 -10.48
CA PRO A 85 0.78 8.14 -10.75
C PRO A 85 0.27 7.75 -12.15
N GLU A 86 1.19 7.52 -13.08
CA GLU A 86 0.83 7.18 -14.45
C GLU A 86 0.00 5.90 -14.54
N ASN A 87 0.32 4.94 -13.69
CA ASN A 87 -0.30 3.63 -13.74
C ASN A 87 -1.68 3.57 -13.08
N PHE A 88 -2.13 4.70 -12.55
CA PHE A 88 -3.38 4.77 -11.81
C PHE A 88 -4.55 5.20 -12.68
N SER A 89 -5.76 5.07 -12.13
CA SER A 89 -6.98 5.54 -12.77
C SER A 89 -8.00 5.84 -11.68
N GLN A 90 -8.47 7.08 -11.66
CA GLN A 90 -9.31 7.57 -10.56
C GLN A 90 -8.54 7.47 -9.25
N GLY A 91 -7.22 7.53 -9.34
CA GLY A 91 -6.36 7.44 -8.16
C GLY A 91 -6.30 6.05 -7.55
N HIS A 92 -6.69 5.04 -8.32
CA HIS A 92 -6.74 3.66 -7.82
C HIS A 92 -5.89 2.75 -8.69
N LEU A 93 -5.39 1.67 -8.09
CA LEU A 93 -4.51 0.75 -8.80
C LEU A 93 -4.57 -0.65 -8.16
N MET A 94 -4.93 -1.64 -8.95
CA MET A 94 -4.91 -3.03 -8.51
C MET A 94 -3.62 -3.67 -9.01
N TRP A 95 -2.94 -4.40 -8.14
CA TRP A 95 -1.66 -5.00 -8.51
C TRP A 95 -1.91 -6.18 -9.45
N ASN A 96 -1.10 -6.27 -10.50
CA ASN A 96 -1.21 -7.37 -11.45
C ASN A 96 0.14 -7.69 -12.07
N ASP A 97 0.24 -8.86 -12.67
CA ASP A 97 1.50 -9.37 -13.22
C ASP A 97 2.08 -8.45 -14.30
N ASP A 98 1.20 -7.79 -15.04
CA ASP A 98 1.62 -6.93 -16.15
C ASP A 98 2.25 -5.62 -15.66
N LEU A 99 1.73 -5.11 -14.54
CA LEU A 99 2.21 -3.85 -13.98
C LEU A 99 3.70 -3.87 -13.68
N PHE A 100 4.23 -5.05 -13.41
CA PHE A 100 5.64 -5.19 -13.06
C PHE A 100 6.49 -5.70 -14.23
N ASN A 101 6.01 -5.50 -15.46
CA ASN A 101 6.77 -5.89 -16.65
C ASN A 101 8.09 -5.13 -16.78
N GLU A 102 8.13 -3.94 -16.20
CA GLU A 102 9.32 -3.09 -16.24
C GLU A 102 10.20 -3.34 -15.03
N ALA A 103 9.58 -3.81 -13.94
CA ALA A 103 10.31 -4.10 -12.71
C ALA A 103 10.01 -5.51 -12.17
N GLN A 104 10.39 -6.53 -12.91
CA GLN A 104 10.23 -7.92 -12.47
C GLN A 104 11.03 -8.28 -11.22
N PRO A 105 12.26 -7.73 -11.09
CA PRO A 105 13.05 -8.05 -9.89
C PRO A 105 12.33 -7.66 -8.61
N LEU A 106 11.51 -6.62 -8.68
CA LEU A 106 10.73 -6.18 -7.53
C LEU A 106 9.66 -7.22 -7.22
N TRP A 107 8.94 -7.62 -8.26
CA TRP A 107 7.81 -8.53 -8.14
C TRP A 107 8.24 -9.86 -7.53
N GLU A 108 9.30 -10.44 -8.08
CA GLU A 108 9.79 -11.74 -7.60
C GLU A 108 10.29 -11.69 -6.16
N ALA A 109 10.95 -10.59 -5.81
CA ALA A 109 11.47 -10.42 -4.46
C ALA A 109 10.30 -10.27 -3.49
N ALA A 110 9.25 -9.62 -3.95
CA ALA A 110 8.05 -9.43 -3.13
C ALA A 110 7.32 -10.76 -2.94
N ARG A 111 7.15 -11.52 -4.03
CA ARG A 111 6.55 -12.85 -3.91
C ARG A 111 7.37 -13.80 -3.04
N ALA A 112 8.69 -13.71 -3.12
CA ALA A 112 9.55 -14.59 -2.35
C ALA A 112 9.37 -14.30 -0.86
N HIS A 113 8.99 -13.07 -0.55
CA HIS A 113 8.76 -12.65 0.83
C HIS A 113 7.29 -12.80 1.26
N GLY A 114 6.43 -13.22 0.33
CA GLY A 114 5.07 -13.59 0.67
C GLY A 114 3.99 -12.56 0.33
N LEU A 115 4.22 -11.76 -0.70
CA LEU A 115 3.22 -10.79 -1.17
C LEU A 115 2.61 -11.18 -2.51
N ARG A 116 1.48 -11.87 -2.43
CA ARG A 116 0.80 -12.37 -3.63
C ARG A 116 -0.12 -11.34 -4.26
N ARG A 117 -1.02 -10.75 -3.48
CA ARG A 117 -2.01 -9.83 -4.04
C ARG A 117 -2.01 -8.52 -3.27
N GLY A 118 -2.33 -7.41 -3.95
CA GLY A 118 -2.41 -6.12 -3.30
C GLY A 118 -3.13 -5.05 -4.10
N VAL A 119 -3.22 -3.86 -3.52
CA VAL A 119 -3.96 -2.74 -4.11
C VAL A 119 -3.44 -1.43 -3.54
N THR A 120 -3.50 -0.35 -4.34
CA THR A 120 -2.99 0.94 -3.90
C THR A 120 -3.90 2.12 -4.30
N GLN A 121 -4.04 3.08 -3.39
CA GLN A 121 -4.80 4.30 -3.63
C GLN A 121 -3.88 5.51 -3.42
N TYR A 122 -4.13 6.61 -4.12
CA TYR A 122 -3.29 7.79 -3.98
C TYR A 122 -4.03 9.12 -4.19
N LEU A 123 -3.47 10.18 -3.62
CA LEU A 123 -3.97 11.54 -3.82
C LEU A 123 -2.87 12.58 -3.65
N MET A 124 -3.19 13.83 -3.96
CA MET A 124 -2.26 14.94 -3.77
C MET A 124 -2.69 15.75 -2.54
N LEU A 125 -1.73 16.05 -1.67
CA LEU A 125 -2.01 16.78 -0.45
C LEU A 125 -1.88 18.28 -0.68
N PRO A 126 -2.41 19.10 0.25
CA PRO A 126 -2.31 20.56 0.13
C PRO A 126 -0.88 21.09 -0.03
N ASN A 127 0.11 20.36 0.47
CA ASN A 127 1.52 20.73 0.27
C ASN A 127 2.07 20.09 -1.01
N ARG A 128 1.17 19.64 -1.86
CA ARG A 128 1.49 19.01 -3.15
C ARG A 128 2.23 17.69 -2.99
N ALA A 129 2.32 17.18 -1.77
CA ALA A 129 2.93 15.88 -1.55
C ALA A 129 2.00 14.80 -2.07
N LEU A 130 2.58 13.75 -2.61
CA LEU A 130 1.82 12.63 -3.17
C LEU A 130 1.78 11.51 -2.15
N GLY A 131 0.59 11.19 -1.66
CA GLY A 131 0.41 10.15 -0.66
C GLY A 131 -0.09 8.85 -1.28
N PHE A 132 0.56 7.74 -0.90
CA PHE A 132 0.19 6.42 -1.41
C PHE A 132 -0.12 5.44 -0.28
N LEU A 133 -1.31 4.85 -0.33
CA LEU A 133 -1.70 3.78 0.59
C LEU A 133 -1.79 2.46 -0.16
N SER A 134 -1.04 1.47 0.31
CA SER A 134 -1.06 0.15 -0.28
C SER A 134 -1.51 -0.91 0.72
N PHE A 135 -2.41 -1.79 0.29
CA PHE A 135 -2.78 -2.95 1.07
C PHE A 135 -2.29 -4.20 0.33
N SER A 136 -1.90 -5.23 1.08
CA SER A 136 -1.45 -6.47 0.48
C SER A 136 -1.74 -7.67 1.38
N ARG A 137 -1.96 -8.82 0.77
CA ARG A 137 -2.18 -10.07 1.51
C ARG A 137 -1.32 -11.21 0.98
N CYS A 138 -1.16 -12.25 1.79
CA CYS A 138 -0.36 -13.41 1.40
C CYS A 138 -1.25 -14.53 0.87
N SER A 139 -2.55 -14.28 0.80
CA SER A 139 -3.51 -15.29 0.36
C SER A 139 -4.18 -14.98 -0.97
N ALA A 140 -4.29 -16.00 -1.81
CA ALA A 140 -4.94 -15.89 -3.12
C ALA A 140 -6.36 -16.43 -3.10
N ARG A 141 -7.23 -15.87 -3.94
CA ARG A 141 -8.54 -16.45 -4.21
C ARG A 141 -9.50 -16.43 -3.02
N GLU A 142 -9.48 -15.31 -2.32
CA GLU A 142 -10.25 -15.08 -1.11
C GLU A 142 -11.22 -13.94 -1.38
N ILE A 143 -11.03 -13.22 -2.48
CA ILE A 143 -11.20 -11.79 -2.46
C ILE A 143 -12.63 -11.43 -2.01
N PRO A 144 -12.66 -10.42 -1.15
CA PRO A 144 -13.80 -9.99 -0.35
C PRO A 144 -14.94 -9.50 -1.23
N ILE A 145 -14.60 -8.76 -2.28
CA ILE A 145 -14.94 -7.33 -2.34
C ILE A 145 -15.58 -6.99 -3.67
N LEU A 146 -16.51 -6.03 -3.66
CA LEU A 146 -16.63 -5.08 -4.76
C LEU A 146 -15.39 -4.19 -4.83
N SER A 147 -14.89 -4.00 -6.05
CA SER A 147 -13.88 -2.98 -6.33
C SER A 147 -14.36 -1.56 -6.09
N ASP A 148 -15.59 -1.26 -6.50
CA ASP A 148 -16.16 0.07 -6.32
C ASP A 148 -16.20 0.48 -4.85
N GLU A 149 -16.60 -0.44 -3.99
CA GLU A 149 -16.64 -0.15 -2.56
C GLU A 149 -15.21 -0.13 -2.03
N LEU A 150 -14.33 -0.89 -2.68
CA LEU A 150 -12.93 -0.91 -2.30
C LEU A 150 -12.27 0.42 -2.66
N GLN A 151 -12.43 0.85 -3.91
CA GLN A 151 -11.90 2.13 -4.36
C GLN A 151 -12.33 3.25 -3.42
N LEU A 152 -13.61 3.26 -3.09
CA LEU A 152 -14.18 4.35 -2.30
C LEU A 152 -13.77 4.28 -0.83
N LYS A 153 -13.65 3.08 -0.29
CA LYS A 153 -13.22 2.92 1.09
C LYS A 153 -11.76 3.36 1.27
N MET A 154 -10.91 2.95 0.33
CA MET A 154 -9.50 3.33 0.37
C MET A 154 -9.31 4.82 0.09
N GLN A 155 -10.14 5.35 -0.80
CA GLN A 155 -10.12 6.78 -1.14
C GLN A 155 -10.20 7.62 0.13
N LEU A 156 -11.10 7.25 1.03
CA LEU A 156 -11.28 7.97 2.29
C LEU A 156 -10.08 7.76 3.21
N LEU A 157 -9.53 6.55 3.21
CA LEU A 157 -8.47 6.19 4.14
C LEU A 157 -7.17 6.94 3.88
N VAL A 158 -6.79 7.12 2.62
CA VAL A 158 -5.61 7.94 2.31
C VAL A 158 -5.83 9.37 2.77
N ARG A 159 -6.99 9.92 2.45
CA ARG A 159 -7.27 11.32 2.74
C ARG A 159 -7.18 11.58 4.24
N GLU A 160 -8.06 10.96 5.00
CA GLU A 160 -8.25 11.30 6.40
C GLU A 160 -7.05 10.96 7.27
N SER A 161 -6.32 9.90 6.92
CA SER A 161 -5.14 9.51 7.69
C SER A 161 -4.01 10.51 7.50
N LEU A 162 -3.69 10.82 6.25
CA LEU A 162 -2.60 11.74 5.94
C LEU A 162 -2.93 13.16 6.39
N MET A 163 -4.21 13.54 6.31
CA MET A 163 -4.65 14.84 6.79
C MET A 163 -4.53 14.90 8.30
N ALA A 164 -4.89 13.79 8.94
CA ALA A 164 -4.72 13.66 10.39
C ALA A 164 -3.26 13.76 10.79
N LEU A 165 -2.39 13.12 10.03
CA LEU A 165 -0.96 13.14 10.32
C LEU A 165 -0.39 14.54 10.11
N MET A 166 -1.03 15.33 9.26
CA MET A 166 -0.63 16.71 9.05
C MET A 166 -1.04 17.60 10.22
N ARG A 167 -2.24 17.38 10.77
CA ARG A 167 -2.68 18.15 11.92
C ARG A 167 -1.69 17.95 13.07
N LEU A 168 -1.14 16.75 13.14
CA LEU A 168 -0.23 16.38 14.23
C LEU A 168 1.23 16.68 13.87
N ASN A 169 1.44 17.30 12.71
CA ASN A 169 2.78 17.68 12.27
C ASN A 169 3.74 16.50 12.23
N ASP A 170 3.24 15.35 11.78
CA ASP A 170 4.06 14.15 11.71
C ASP A 170 5.13 14.30 10.64
N GLU A 171 6.26 13.64 10.86
CA GLU A 171 7.44 13.81 10.02
C GLU A 171 7.26 13.21 8.63
N ILE A 172 6.36 12.24 8.51
CA ILE A 172 6.17 11.52 7.25
C ILE A 172 5.57 12.39 6.14
N VAL A 173 4.77 13.39 6.51
CA VAL A 173 4.06 14.22 5.52
C VAL A 173 4.49 15.67 5.53
N MET A 174 4.96 16.17 6.66
CA MET A 174 5.29 17.58 6.76
C MET A 174 6.54 17.82 5.95
N THR A 175 6.48 18.83 5.10
CA THR A 175 7.62 19.18 4.26
C THR A 175 8.72 19.76 5.12
N PRO A 176 9.96 19.76 4.62
CA PRO A 176 11.10 20.33 5.33
C PRO A 176 10.72 21.70 5.87
N GLU A 177 10.90 21.91 7.16
CA GLU A 177 10.33 23.08 7.82
C GLU A 177 10.71 24.39 7.14
N MET A 178 9.68 25.15 6.79
CA MET A 178 9.85 26.46 6.17
C MET A 178 8.91 27.45 6.84
N ASN A 179 9.15 27.73 8.11
CA ASN A 179 8.34 28.69 8.85
C ASN A 179 8.80 30.12 8.55
N PHE A 180 8.11 30.76 7.62
CA PHE A 180 8.46 32.11 7.19
C PHE A 180 7.43 33.12 7.69
N SER A 181 7.89 34.35 7.90
CA SER A 181 7.01 35.45 8.27
C SER A 181 6.17 35.91 7.08
N LYS A 182 5.10 36.63 7.36
CA LYS A 182 4.23 37.14 6.30
C LYS A 182 5.02 38.13 5.44
N ARG A 183 6.02 38.78 6.03
CA ARG A 183 6.91 39.67 5.28
C ARG A 183 7.80 38.88 4.34
N GLU A 184 8.33 37.76 4.83
CA GLU A 184 9.22 36.93 4.04
C GLU A 184 8.50 36.34 2.84
N LYS A 185 7.24 35.97 3.01
CA LYS A 185 6.47 35.38 1.92
C LYS A 185 6.03 36.44 0.89
N GLU A 186 5.87 37.68 1.33
CA GLU A 186 5.59 38.76 0.38
C GLU A 186 6.79 38.95 -0.54
N ILE A 187 7.98 38.87 0.02
CA ILE A 187 9.19 39.05 -0.76
C ILE A 187 9.37 37.85 -1.69
N LEU A 188 8.90 36.69 -1.25
CA LEU A 188 8.97 35.48 -2.06
C LEU A 188 8.04 35.57 -3.26
N ARG A 189 6.82 36.03 -3.03
CA ARG A 189 5.84 36.22 -4.11
C ARG A 189 6.34 37.17 -5.19
N TRP A 190 7.05 38.22 -4.80
CA TRP A 190 7.58 39.18 -5.76
C TRP A 190 8.84 38.65 -6.41
N THR A 191 9.63 37.90 -5.66
CA THR A 191 10.81 37.25 -6.22
C THR A 191 10.35 36.25 -7.27
N ALA A 192 9.24 35.58 -6.99
CA ALA A 192 8.68 34.58 -7.89
C ALA A 192 8.10 35.19 -9.16
N GLU A 193 7.84 36.49 -9.13
CA GLU A 193 7.36 37.21 -10.31
C GLU A 193 8.51 37.77 -11.13
N GLY A 194 9.73 37.54 -10.66
CA GLY A 194 10.93 37.95 -11.38
C GLY A 194 11.30 39.39 -11.08
N LYS A 195 10.93 39.86 -9.90
CA LYS A 195 11.35 41.18 -9.45
C LYS A 195 12.73 41.12 -8.79
N THR A 196 13.56 42.11 -9.11
CA THR A 196 14.87 42.25 -8.49
C THR A 196 14.74 42.80 -7.09
N SER A 197 15.79 42.64 -6.30
CA SER A 197 15.82 43.15 -4.92
C SER A 197 15.50 44.64 -4.91
N ALA A 198 15.96 45.35 -5.93
CA ALA A 198 15.72 46.78 -6.06
C ALA A 198 14.24 47.11 -6.24
N GLU A 199 13.56 46.34 -7.08
CA GLU A 199 12.15 46.58 -7.36
C GLU A 199 11.29 46.23 -6.14
N ILE A 200 11.63 45.12 -5.48
CA ILE A 200 10.91 44.70 -4.29
C ILE A 200 11.06 45.74 -3.19
N ALA A 201 12.22 46.39 -3.16
CA ALA A 201 12.49 47.43 -2.18
C ALA A 201 11.53 48.61 -2.35
N MET A 202 11.41 49.08 -3.57
CA MET A 202 10.52 50.20 -3.89
C MET A 202 9.05 49.85 -3.64
N ILE A 203 8.67 48.64 -3.99
CA ILE A 203 7.27 48.23 -3.93
C ILE A 203 6.80 48.10 -2.49
N LEU A 204 7.71 47.67 -1.62
CA LEU A 204 7.39 47.45 -0.22
C LEU A 204 7.82 48.65 0.63
N SER A 205 8.40 49.65 -0.02
CA SER A 205 8.88 50.87 0.66
C SER A 205 9.83 50.53 1.81
N ILE A 206 10.86 49.76 1.49
CA ILE A 206 11.94 49.44 2.41
C ILE A 206 13.24 49.44 1.62
N SER A 207 14.37 49.54 2.32
CA SER A 207 15.67 49.55 1.65
C SER A 207 16.00 48.21 1.01
N GLU A 208 16.79 48.25 -0.05
CA GLU A 208 17.23 47.03 -0.73
C GLU A 208 18.12 46.24 0.23
N ASN A 209 18.66 46.95 1.22
CA ASN A 209 19.47 46.33 2.26
C ASN A 209 18.62 45.36 3.09
N THR A 210 17.38 45.76 3.36
CA THR A 210 16.49 44.98 4.21
C THR A 210 15.92 43.81 3.42
N VAL A 211 15.76 44.02 2.11
CA VAL A 211 15.29 42.97 1.23
C VAL A 211 16.30 41.83 1.16
N ASN A 212 17.56 42.19 0.93
CA ASN A 212 18.63 41.21 0.85
C ASN A 212 18.87 40.45 2.14
N PHE A 213 18.61 41.09 3.29
CA PHE A 213 18.80 40.41 4.57
C PHE A 213 17.76 39.32 4.69
N HIS A 214 16.50 39.69 4.44
CA HIS A 214 15.39 38.75 4.46
C HIS A 214 15.67 37.62 3.49
N GLN A 215 16.19 37.99 2.33
CA GLN A 215 16.48 37.02 1.29
C GLN A 215 17.50 36.01 1.80
N LYS A 216 18.54 36.52 2.45
CA LYS A 216 19.60 35.66 3.00
C LYS A 216 19.13 34.89 4.22
N ASN A 217 18.25 35.49 5.02
CA ASN A 217 17.76 34.83 6.23
C ASN A 217 16.87 33.63 5.91
N MET A 218 16.17 33.68 4.78
CA MET A 218 15.36 32.55 4.36
C MET A 218 16.27 31.43 3.86
N GLN A 219 17.33 31.82 3.15
CA GLN A 219 18.32 30.87 2.64
C GLN A 219 19.10 30.21 3.76
N LYS A 220 19.21 30.91 4.89
CA LYS A 220 19.88 30.38 6.07
C LYS A 220 19.17 29.15 6.58
N LYS A 221 17.90 29.31 6.93
CA LYS A 221 17.13 28.26 7.60
C LYS A 221 16.71 27.12 6.69
N ILE A 222 17.01 27.23 5.40
CA ILE A 222 16.70 26.18 4.44
C ILE A 222 17.99 25.59 3.91
N ASN A 223 19.09 26.32 4.10
CA ASN A 223 20.38 25.93 3.56
C ASN A 223 20.25 25.87 2.05
N ALA A 224 20.29 27.05 1.43
CA ALA A 224 20.12 27.17 -0.01
C ALA A 224 21.09 28.20 -0.55
N PRO A 225 21.56 27.99 -1.79
CA PRO A 225 22.61 28.86 -2.34
C PRO A 225 22.10 30.25 -2.67
N ASN A 226 20.98 30.31 -3.37
CA ASN A 226 20.44 31.57 -3.89
C ASN A 226 18.96 31.76 -3.60
N LYS A 227 18.45 32.94 -3.96
CA LYS A 227 17.03 33.25 -3.82
C LYS A 227 16.16 32.46 -4.80
N THR A 228 16.78 31.86 -5.81
CA THR A 228 16.02 31.15 -6.84
C THR A 228 15.44 29.86 -6.27
N GLN A 229 16.25 29.12 -5.52
CA GLN A 229 15.80 27.86 -4.95
C GLN A 229 14.73 28.05 -3.89
N VAL A 230 14.87 29.11 -3.09
CA VAL A 230 13.93 29.38 -2.02
C VAL A 230 12.55 29.67 -2.59
N ALA A 231 12.52 30.47 -3.66
CA ALA A 231 11.26 30.85 -4.30
C ALA A 231 10.56 29.67 -4.98
N CYS A 232 11.34 28.80 -5.61
CA CYS A 232 10.78 27.66 -6.34
C CYS A 232 10.24 26.60 -5.39
N TYR A 233 10.96 26.38 -4.29
CA TYR A 233 10.52 25.46 -3.25
C TYR A 233 9.22 25.95 -2.64
N ALA A 234 9.13 27.26 -2.41
CA ALA A 234 7.94 27.87 -1.85
C ALA A 234 6.78 27.74 -2.82
N ALA A 235 7.05 27.95 -4.11
CA ALA A 235 6.04 27.81 -5.14
C ALA A 235 5.60 26.35 -5.25
N ALA A 236 6.58 25.46 -5.17
CA ALA A 236 6.33 24.03 -5.35
C ALA A 236 5.50 23.43 -4.21
N THR A 237 5.64 23.96 -3.00
CA THR A 237 4.91 23.43 -1.85
C THR A 237 3.62 24.19 -1.57
N GLY A 238 3.44 25.35 -2.22
CA GLY A 238 2.22 26.12 -2.06
C GLY A 238 2.23 26.99 -0.82
N LEU A 239 3.40 27.15 -0.21
CA LEU A 239 3.55 27.98 0.99
C LEU A 239 3.08 29.42 0.71
N ILE A 240 3.12 29.79 -0.57
CA ILE A 240 2.82 31.15 -0.99
C ILE A 240 1.33 31.40 -1.16
N HIS A 241 0.65 30.42 -1.75
CA HIS A 241 -0.78 30.43 -1.96
C HIS A 241 -1.52 29.29 -1.26
N HIS A 242 -1.34 29.23 0.06
CA HIS A 242 -2.09 28.30 0.91
C HIS A 242 -3.24 29.02 1.59
N ASP B 5 -21.33 -30.83 16.09
CA ASP B 5 -21.27 -31.35 14.74
C ASP B 5 -19.84 -31.31 14.20
N PHE B 6 -18.89 -31.59 15.07
CA PHE B 6 -17.50 -31.78 14.67
C PHE B 6 -17.39 -33.12 13.96
N PHE B 7 -18.14 -34.10 14.46
CA PHE B 7 -18.11 -35.45 13.92
C PHE B 7 -18.47 -35.39 12.44
N SER B 8 -19.30 -34.42 12.07
CA SER B 8 -19.72 -34.28 10.68
C SER B 8 -18.58 -33.71 9.84
N TRP B 9 -17.76 -32.85 10.45
CA TRP B 9 -16.54 -32.37 9.79
C TRP B 9 -15.58 -33.54 9.64
N ARG B 10 -15.41 -34.29 10.72
CA ARG B 10 -14.54 -35.45 10.74
C ARG B 10 -14.94 -36.49 9.70
N ARG B 11 -16.23 -36.80 9.63
CA ARG B 11 -16.70 -37.80 8.67
C ARG B 11 -16.44 -37.37 7.24
N THR B 12 -16.60 -36.08 6.96
CA THR B 12 -16.39 -35.56 5.63
C THR B 12 -14.92 -35.54 5.24
N MET B 13 -14.06 -35.08 6.14
CA MET B 13 -12.62 -35.02 5.89
C MET B 13 -11.97 -36.39 5.70
N LEU B 14 -12.40 -37.38 6.47
CA LEU B 14 -11.87 -38.73 6.34
C LEU B 14 -12.16 -39.25 4.94
N LEU B 15 -13.34 -38.88 4.44
CA LEU B 15 -13.80 -39.31 3.13
C LEU B 15 -12.91 -38.66 2.07
N ARG B 16 -12.57 -37.39 2.29
CA ARG B 16 -11.75 -36.64 1.34
C ARG B 16 -10.38 -37.29 1.15
N PHE B 17 -9.67 -37.48 2.25
CA PHE B 17 -8.28 -37.94 2.23
C PHE B 17 -8.13 -39.37 1.73
N GLN B 18 -9.13 -40.21 1.96
CA GLN B 18 -9.08 -41.60 1.52
C GLN B 18 -9.23 -41.74 0.01
N ARG B 19 -9.77 -40.71 -0.63
CA ARG B 19 -10.07 -40.76 -2.07
C ARG B 19 -9.11 -39.90 -2.90
N MET B 20 -8.03 -39.45 -2.28
CA MET B 20 -7.02 -38.66 -2.99
C MET B 20 -6.08 -39.57 -3.80
N GLU B 21 -5.70 -39.10 -4.98
CA GLU B 21 -4.87 -39.90 -5.91
C GLU B 21 -3.51 -39.28 -6.21
N THR B 22 -3.30 -38.03 -5.79
CA THR B 22 -2.06 -37.32 -6.11
C THR B 22 -1.57 -36.59 -4.87
N ALA B 23 -0.25 -36.42 -4.76
CA ALA B 23 0.34 -35.76 -3.60
C ALA B 23 -0.07 -34.29 -3.53
N GLU B 24 -0.09 -33.64 -4.68
CA GLU B 24 -0.48 -32.23 -4.77
C GLU B 24 -1.92 -32.01 -4.28
N GLU B 25 -2.77 -33.04 -4.39
CA GLU B 25 -4.14 -32.94 -3.90
C GLU B 25 -4.16 -32.89 -2.38
N VAL B 26 -3.25 -33.64 -1.76
CA VAL B 26 -3.15 -33.68 -0.30
C VAL B 26 -2.65 -32.34 0.22
N TYR B 27 -1.57 -31.85 -0.39
CA TYR B 27 -0.99 -30.57 0.00
C TYR B 27 -1.96 -29.43 -0.23
N HIS B 28 -2.83 -29.58 -1.22
CA HIS B 28 -3.80 -28.55 -1.50
C HIS B 28 -4.81 -28.50 -0.37
N GLU B 29 -5.32 -29.65 0.03
CA GLU B 29 -6.34 -29.74 1.07
C GLU B 29 -5.88 -29.11 2.38
N ILE B 30 -4.63 -29.37 2.76
CA ILE B 30 -4.06 -28.78 3.96
C ILE B 30 -4.04 -27.26 3.86
N GLU B 31 -3.73 -26.76 2.66
CA GLU B 31 -3.67 -25.33 2.41
C GLU B 31 -5.02 -24.69 2.67
N LEU B 32 -6.09 -25.32 2.18
CA LEU B 32 -7.44 -24.80 2.37
C LEU B 32 -7.86 -24.84 3.83
N GLN B 33 -7.65 -25.99 4.47
CA GLN B 33 -8.04 -26.19 5.86
C GLN B 33 -7.33 -25.22 6.80
N ALA B 34 -6.07 -24.94 6.50
CA ALA B 34 -5.31 -23.95 7.25
C ALA B 34 -6.00 -22.60 7.15
N GLN B 35 -6.52 -22.29 5.97
CA GLN B 35 -7.21 -21.03 5.73
C GLN B 35 -8.59 -21.02 6.38
N GLN B 36 -9.26 -22.18 6.37
CA GLN B 36 -10.54 -22.32 7.05
C GLN B 36 -10.38 -22.00 8.53
N LEU B 37 -9.15 -22.17 9.03
CA LEU B 37 -8.82 -21.95 10.43
C LEU B 37 -8.03 -20.65 10.63
N GLU B 38 -8.15 -19.74 9.65
CA GLU B 38 -7.55 -18.41 9.73
C GLU B 38 -6.02 -18.45 9.78
N TYR B 39 -5.42 -19.42 9.10
CA TYR B 39 -3.97 -19.49 8.97
C TYR B 39 -3.56 -19.34 7.50
N ASP B 40 -2.48 -18.60 7.28
CA ASP B 40 -2.01 -18.30 5.93
C ASP B 40 -1.02 -19.35 5.41
N TYR B 41 -0.14 -19.80 6.30
CA TYR B 41 0.93 -20.73 5.91
C TYR B 41 0.80 -22.06 6.63
N TYR B 42 0.97 -23.15 5.87
CA TYR B 42 1.03 -24.49 6.44
C TYR B 42 2.41 -25.06 6.16
N SER B 43 2.82 -26.04 6.96
CA SER B 43 4.08 -26.73 6.71
C SER B 43 4.05 -28.14 7.26
N LEU B 44 4.31 -29.11 6.38
CA LEU B 44 4.30 -30.52 6.76
C LEU B 44 5.72 -31.07 6.73
N CYS B 45 6.24 -31.39 7.91
CA CYS B 45 7.63 -31.81 8.07
C CYS B 45 7.73 -33.22 8.65
N VAL B 46 8.71 -33.99 8.19
CA VAL B 46 8.87 -35.37 8.62
C VAL B 46 10.30 -35.69 9.02
N ARG B 47 10.48 -36.20 10.24
CA ARG B 47 11.77 -36.71 10.69
C ARG B 47 11.77 -38.22 10.54
N HIS B 48 12.62 -38.73 9.66
CA HIS B 48 12.73 -40.16 9.45
C HIS B 48 13.56 -40.80 10.56
N PRO B 49 13.34 -42.10 10.82
CA PRO B 49 14.06 -42.79 11.88
C PRO B 49 15.48 -43.19 11.47
N VAL B 50 15.78 -43.11 10.19
CA VAL B 50 17.11 -43.46 9.68
C VAL B 50 17.58 -42.48 8.62
N PRO B 51 18.91 -42.34 8.45
CA PRO B 51 19.98 -42.99 9.23
C PRO B 51 20.06 -42.43 10.66
N PHE B 52 20.62 -43.19 11.58
CA PHE B 52 20.63 -42.83 12.99
C PHE B 52 21.52 -41.61 13.28
N THR B 53 22.53 -41.41 12.46
CA THR B 53 23.53 -40.38 12.70
C THR B 53 23.18 -39.05 12.02
N ARG B 54 22.51 -39.14 10.87
CA ARG B 54 22.08 -37.98 10.12
C ARG B 54 20.69 -38.22 9.56
N PRO B 55 19.68 -38.31 10.44
CA PRO B 55 18.32 -38.66 10.02
C PRO B 55 17.80 -37.74 8.92
N LYS B 56 17.18 -38.33 7.91
CA LYS B 56 16.68 -37.57 6.78
C LYS B 56 15.50 -36.73 7.25
N VAL B 57 15.46 -35.47 6.82
CA VAL B 57 14.35 -34.59 7.16
C VAL B 57 13.81 -34.01 5.87
N ALA B 58 12.59 -34.41 5.53
CA ALA B 58 11.91 -33.90 4.35
C ALA B 58 10.74 -33.03 4.80
N PHE B 59 10.39 -32.05 3.96
CA PHE B 59 9.29 -31.16 4.26
C PHE B 59 8.65 -30.61 3.00
N TYR B 60 7.46 -30.06 3.16
CA TYR B 60 6.75 -29.40 2.07
C TYR B 60 5.89 -28.31 2.68
N THR B 61 6.02 -27.09 2.16
CA THR B 61 5.36 -25.94 2.74
C THR B 61 5.06 -24.88 1.69
N ASN B 62 4.13 -23.99 2.03
CA ASN B 62 3.83 -22.82 1.20
C ASN B 62 4.37 -21.56 1.87
N TYR B 63 5.36 -21.74 2.73
CA TYR B 63 6.07 -20.61 3.32
C TYR B 63 6.66 -19.76 2.21
N PRO B 64 6.91 -18.47 2.47
CA PRO B 64 7.60 -17.64 1.47
C PRO B 64 8.98 -18.19 1.15
N GLU B 65 9.31 -18.27 -0.14
CA GLU B 65 10.58 -18.85 -0.59
C GLU B 65 11.76 -18.19 0.11
N ALA B 66 11.63 -16.90 0.40
CA ALA B 66 12.69 -16.15 1.07
C ALA B 66 12.95 -16.69 2.47
N TRP B 67 11.89 -17.11 3.16
CA TRP B 67 12.03 -17.63 4.51
C TRP B 67 12.64 -19.03 4.52
N VAL B 68 12.28 -19.84 3.53
CA VAL B 68 12.83 -21.17 3.41
C VAL B 68 14.35 -21.12 3.21
N SER B 69 14.79 -20.30 2.26
CA SER B 69 16.21 -20.15 1.97
C SER B 69 16.99 -19.70 3.19
N TYR B 70 16.41 -18.78 3.96
CA TYR B 70 17.05 -18.25 5.16
C TYR B 70 17.10 -19.33 6.25
N TYR B 71 16.01 -20.07 6.38
CA TYR B 71 15.89 -21.14 7.37
C TYR B 71 16.95 -22.21 7.17
N GLN B 72 17.12 -22.64 5.92
CA GLN B 72 18.10 -23.66 5.59
C GLN B 72 19.52 -23.15 5.76
N ALA B 73 19.77 -21.92 5.29
CA ALA B 73 21.10 -21.33 5.35
C ALA B 73 21.63 -21.23 6.78
N LYS B 74 20.77 -20.81 7.69
CA LYS B 74 21.14 -20.65 9.10
C LYS B 74 21.05 -21.97 9.87
N ASN B 75 20.63 -23.04 9.19
CA ASN B 75 20.53 -24.36 9.80
C ASN B 75 19.67 -24.35 11.06
N PHE B 76 18.39 -24.01 10.90
CA PHE B 76 17.47 -23.87 12.01
C PHE B 76 16.82 -25.20 12.40
N LEU B 77 16.93 -26.19 11.53
CA LEU B 77 16.41 -27.53 11.82
C LEU B 77 16.99 -28.09 13.11
N ALA B 78 18.26 -27.78 13.37
CA ALA B 78 18.98 -28.34 14.51
C ALA B 78 18.57 -27.75 15.86
N ILE B 79 17.79 -26.67 15.84
CA ILE B 79 17.46 -25.94 17.07
C ILE B 79 15.98 -25.56 17.15
N ASP B 80 15.19 -26.01 16.19
CA ASP B 80 13.77 -25.67 16.15
C ASP B 80 12.99 -26.43 17.24
N PRO B 81 12.39 -25.71 18.19
CA PRO B 81 11.63 -26.40 19.23
C PRO B 81 10.32 -27.01 18.70
N VAL B 82 9.85 -26.51 17.57
CA VAL B 82 8.64 -27.02 16.94
C VAL B 82 8.81 -28.47 16.49
N LEU B 83 10.05 -28.88 16.28
CA LEU B 83 10.36 -30.23 15.80
C LEU B 83 10.84 -31.15 16.92
N ASN B 84 10.69 -30.69 18.16
CA ASN B 84 11.08 -31.46 19.33
C ASN B 84 9.84 -31.98 20.06
N PRO B 85 9.59 -33.30 20.02
CA PRO B 85 8.41 -33.86 20.68
C PRO B 85 8.31 -33.56 22.18
N GLU B 86 9.44 -33.26 22.81
CA GLU B 86 9.46 -32.99 24.24
C GLU B 86 8.58 -31.80 24.60
N ASN B 87 8.54 -30.80 23.73
CA ASN B 87 7.81 -29.57 24.00
C ASN B 87 6.31 -29.69 23.78
N PHE B 88 5.87 -30.88 23.37
CA PHE B 88 4.47 -31.07 23.03
C PHE B 88 3.62 -31.60 24.19
N SER B 89 2.31 -31.55 23.98
CA SER B 89 1.33 -32.07 24.93
C SER B 89 0.06 -32.40 24.15
N GLN B 90 -0.40 -33.64 24.27
CA GLN B 90 -1.48 -34.16 23.44
C GLN B 90 -1.07 -34.11 21.98
N GLY B 91 0.25 -34.16 21.74
CA GLY B 91 0.77 -34.10 20.38
C GLY B 91 0.57 -32.72 19.79
N HIS B 92 0.31 -31.74 20.64
CA HIS B 92 0.00 -30.39 20.20
C HIS B 92 0.92 -29.37 20.85
N LEU B 93 1.11 -28.23 20.17
CA LEU B 93 2.01 -27.20 20.65
C LEU B 93 1.67 -25.82 20.10
N MET B 94 1.44 -24.87 21.00
CA MET B 94 1.19 -23.48 20.63
C MET B 94 2.48 -22.69 20.74
N TRP B 95 2.77 -21.87 19.73
CA TRP B 95 3.99 -21.08 19.73
C TRP B 95 3.87 -19.90 20.68
N ASN B 96 4.94 -19.68 21.46
CA ASN B 96 5.01 -18.54 22.36
C ASN B 96 6.46 -18.13 22.59
N ASP B 97 6.68 -16.92 23.10
CA ASP B 97 8.02 -16.38 23.26
C ASP B 97 8.89 -17.26 24.13
N ASP B 98 8.27 -17.95 25.09
CA ASP B 98 9.02 -18.79 26.04
C ASP B 98 9.51 -20.06 25.35
N LEU B 99 8.72 -20.56 24.41
CA LEU B 99 9.06 -21.77 23.69
C LEU B 99 10.39 -21.59 22.96
N PHE B 100 10.67 -20.35 22.57
CA PHE B 100 11.89 -20.02 21.83
C PHE B 100 12.94 -19.31 22.68
N ASN B 101 12.91 -19.50 23.99
CA ASN B 101 13.90 -18.86 24.85
C ASN B 101 15.30 -19.36 24.50
N GLU B 102 15.35 -20.58 23.96
CA GLU B 102 16.61 -21.22 23.60
C GLU B 102 16.97 -20.94 22.14
N ALA B 103 15.97 -20.59 21.35
CA ALA B 103 16.18 -20.30 19.93
C ALA B 103 15.70 -18.89 19.60
N GLN B 104 16.36 -17.91 20.21
CA GLN B 104 16.06 -16.51 19.95
C GLN B 104 16.36 -16.10 18.50
N PRO B 105 17.49 -16.58 17.93
CA PRO B 105 17.79 -16.23 16.54
C PRO B 105 16.75 -16.73 15.53
N LEU B 106 16.16 -17.90 15.80
CA LEU B 106 15.14 -18.46 14.92
C LEU B 106 13.89 -17.64 15.01
N TRP B 107 13.46 -17.47 16.24
CA TRP B 107 12.24 -16.80 16.56
C TRP B 107 12.31 -15.34 16.07
N GLU B 108 13.37 -14.62 16.40
CA GLU B 108 13.51 -13.23 15.94
C GLU B 108 13.53 -13.17 14.42
N ALA B 109 14.15 -14.17 13.80
CA ALA B 109 14.21 -14.28 12.34
C ALA B 109 12.84 -14.61 11.71
N ALA B 110 12.05 -15.44 12.40
CA ALA B 110 10.73 -15.83 11.92
C ALA B 110 9.73 -14.68 11.99
N ARG B 111 9.77 -13.94 13.10
CA ARG B 111 8.90 -12.79 13.33
C ARG B 111 9.13 -11.79 12.19
N ALA B 112 10.41 -11.64 11.83
CA ALA B 112 10.86 -10.68 10.82
C ALA B 112 10.38 -11.00 9.41
N HIS B 113 10.17 -12.28 9.13
CA HIS B 113 9.72 -12.71 7.82
C HIS B 113 8.19 -12.81 7.76
N GLY B 114 7.55 -12.52 8.89
CA GLY B 114 6.11 -12.38 8.93
C GLY B 114 5.38 -13.56 9.56
N LEU B 115 6.04 -14.25 10.48
CA LEU B 115 5.40 -15.33 11.23
C LEU B 115 5.21 -14.89 12.67
N ARG B 116 4.05 -14.33 12.97
CA ARG B 116 3.75 -13.77 14.28
C ARG B 116 3.30 -14.83 15.27
N ARG B 117 2.29 -15.60 14.88
CA ARG B 117 1.70 -16.64 15.70
C ARG B 117 1.56 -17.93 14.91
N GLY B 118 1.63 -19.06 15.59
CA GLY B 118 1.47 -20.35 14.94
C GLY B 118 1.20 -21.48 15.92
N VAL B 119 1.08 -22.68 15.36
CA VAL B 119 0.73 -23.86 16.14
C VAL B 119 1.22 -25.11 15.42
N THR B 120 1.52 -26.16 16.17
CA THR B 120 2.04 -27.39 15.59
C THR B 120 1.40 -28.63 16.19
N GLN B 121 1.12 -29.59 15.32
CA GLN B 121 0.59 -30.90 15.69
C GLN B 121 1.55 -31.96 15.17
N TYR B 122 1.65 -33.07 15.88
CA TYR B 122 2.56 -34.14 15.46
C TYR B 122 2.10 -35.52 15.90
N LEU B 123 2.56 -36.54 15.19
CA LEU B 123 2.35 -37.92 15.58
C LEU B 123 3.48 -38.77 15.05
N MET B 124 3.50 -40.03 15.48
CA MET B 124 4.49 -41.01 15.01
C MET B 124 3.82 -41.98 14.03
N LEU B 125 4.47 -42.20 12.89
CA LEU B 125 3.92 -43.04 11.84
C LEU B 125 4.30 -44.51 12.05
N PRO B 126 3.60 -45.43 11.36
CA PRO B 126 3.88 -46.87 11.48
C PRO B 126 5.33 -47.24 11.19
N ASN B 127 6.02 -46.45 10.36
CA ASN B 127 7.44 -46.64 10.12
C ASN B 127 8.29 -45.86 11.11
N ARG B 128 7.66 -45.44 12.21
CA ARG B 128 8.31 -44.70 13.30
C ARG B 128 8.81 -43.32 12.89
N ALA B 129 8.42 -42.85 11.70
CA ALA B 129 8.76 -41.50 11.29
C ALA B 129 7.91 -40.50 12.07
N LEU B 130 8.51 -39.36 12.40
CA LEU B 130 7.80 -38.33 13.16
C LEU B 130 7.27 -37.27 12.20
N GLY B 131 5.96 -37.14 12.12
CA GLY B 131 5.33 -36.17 11.23
C GLY B 131 4.86 -34.94 11.97
N PHE B 132 5.18 -33.76 11.43
CA PHE B 132 4.80 -32.49 12.03
C PHE B 132 4.03 -31.62 11.04
N LEU B 133 2.84 -31.17 11.45
CA LEU B 133 2.11 -30.16 10.69
C LEU B 133 2.11 -28.87 11.47
N SER B 134 2.60 -27.79 10.86
CA SER B 134 2.63 -26.49 11.50
C SER B 134 1.80 -25.49 10.71
N PHE B 135 0.97 -24.74 11.44
CA PHE B 135 0.25 -23.61 10.88
C PHE B 135 0.78 -22.33 11.48
N SER B 136 0.78 -21.27 10.68
CA SER B 136 1.20 -19.96 11.15
C SER B 136 0.46 -18.88 10.39
N ARG B 137 0.23 -17.75 11.04
CA ARG B 137 -0.41 -16.62 10.41
C ARG B 137 0.48 -15.41 10.64
N CYS B 138 0.33 -14.40 9.78
CA CYS B 138 1.16 -13.21 9.85
C CYS B 138 0.44 -12.09 10.58
N SER B 139 -0.14 -12.41 11.73
CA SER B 139 -0.94 -11.44 12.47
C SER B 139 -1.20 -11.87 13.90
N ALA B 140 -1.32 -10.86 14.75
CA ALA B 140 -2.02 -11.01 16.01
C ALA B 140 -3.43 -11.38 15.63
N ARG B 141 -3.89 -10.81 14.52
CA ARG B 141 -5.26 -10.37 14.46
C ARG B 141 -6.08 -11.63 14.64
N GLU B 142 -7.05 -11.53 15.53
CA GLU B 142 -7.60 -12.70 16.19
C GLU B 142 -9.06 -13.03 15.93
N ILE B 143 -9.24 -14.13 15.20
CA ILE B 143 -10.51 -14.78 14.97
C ILE B 143 -10.49 -15.95 15.95
N PRO B 144 -11.57 -16.17 16.70
CA PRO B 144 -11.52 -17.26 17.71
C PRO B 144 -11.75 -18.66 17.15
N ILE B 145 -10.98 -19.62 17.67
CA ILE B 145 -11.30 -21.04 17.56
C ILE B 145 -11.27 -21.65 18.95
N LEU B 146 -12.20 -22.56 19.23
CA LEU B 146 -12.12 -23.36 20.46
C LEU B 146 -10.83 -24.16 20.41
N SER B 147 -9.94 -23.90 21.37
CA SER B 147 -8.62 -24.55 21.39
C SER B 147 -8.68 -26.06 21.58
N ASP B 148 -9.90 -26.59 21.69
CA ASP B 148 -10.11 -28.03 21.75
C ASP B 148 -10.44 -28.50 20.34
N GLU B 149 -11.21 -27.69 19.64
CA GLU B 149 -11.62 -28.00 18.28
C GLU B 149 -10.44 -27.89 17.33
N LEU B 150 -9.48 -27.04 17.65
CA LEU B 150 -8.28 -26.89 16.83
C LEU B 150 -7.36 -28.10 16.96
N GLN B 151 -7.05 -28.49 18.20
CA GLN B 151 -6.22 -29.66 18.45
C GLN B 151 -6.77 -30.89 17.74
N LEU B 152 -8.08 -31.08 17.83
CA LEU B 152 -8.71 -32.27 17.30
C LEU B 152 -8.74 -32.24 15.77
N LYS B 153 -8.94 -31.04 15.21
CA LYS B 153 -8.90 -30.88 13.77
C LYS B 153 -7.49 -31.11 13.23
N MET B 154 -6.49 -30.55 13.91
CA MET B 154 -5.11 -30.73 13.50
C MET B 154 -4.67 -32.17 13.70
N GLN B 155 -5.18 -32.79 14.77
CA GLN B 155 -4.92 -34.21 15.03
C GLN B 155 -5.24 -35.08 13.83
N LEU B 156 -6.40 -34.84 13.24
CA LEU B 156 -6.84 -35.59 12.08
C LEU B 156 -6.02 -35.22 10.85
N LEU B 157 -5.69 -33.94 10.72
CA LEU B 157 -5.01 -33.44 9.54
C LEU B 157 -3.57 -33.94 9.40
N VAL B 158 -2.83 -34.04 10.50
CA VAL B 158 -1.48 -34.62 10.43
C VAL B 158 -1.58 -36.06 9.96
N ARG B 159 -2.46 -36.81 10.60
CA ARG B 159 -2.61 -38.24 10.36
C ARG B 159 -3.06 -38.52 8.92
N GLU B 160 -4.23 -38.03 8.55
CA GLU B 160 -4.85 -38.42 7.30
C GLU B 160 -4.05 -37.97 6.07
N SER B 161 -3.35 -36.85 6.19
CA SER B 161 -2.52 -36.36 5.09
C SER B 161 -1.28 -37.23 4.92
N LEU B 162 -0.60 -37.51 6.02
CA LEU B 162 0.61 -38.32 6.00
C LEU B 162 0.34 -39.77 5.63
N MET B 163 -0.82 -40.29 6.05
CA MET B 163 -1.21 -41.65 5.71
C MET B 163 -1.53 -41.75 4.22
N ALA B 164 -2.17 -40.72 3.68
CA ALA B 164 -2.42 -40.67 2.25
C ALA B 164 -1.10 -40.66 1.51
N LEU B 165 -0.14 -39.90 2.02
CA LEU B 165 1.18 -39.82 1.41
C LEU B 165 1.92 -41.15 1.53
N MET B 166 1.58 -41.95 2.54
CA MET B 166 2.19 -43.27 2.69
C MET B 166 1.64 -44.22 1.64
N ARG B 167 0.33 -44.14 1.44
CA ARG B 167 -0.35 -44.94 0.43
C ARG B 167 0.20 -44.66 -0.97
N LEU B 168 0.62 -43.42 -1.21
CA LEU B 168 1.13 -43.02 -2.52
C LEU B 168 2.65 -43.18 -2.64
N ASN B 169 3.27 -43.72 -1.60
CA ASN B 169 4.72 -43.96 -1.58
C ASN B 169 5.54 -42.70 -1.86
N ASP B 170 5.11 -41.57 -1.33
CA ASP B 170 5.82 -40.31 -1.54
C ASP B 170 7.15 -40.35 -0.77
N GLU B 171 8.17 -39.70 -1.32
CA GLU B 171 9.51 -39.78 -0.76
C GLU B 171 9.63 -39.04 0.57
N ILE B 172 8.71 -38.10 0.80
CA ILE B 172 8.75 -37.25 1.98
C ILE B 172 8.54 -38.08 3.24
N VAL B 173 7.83 -39.20 3.10
CA VAL B 173 7.42 -40.01 4.23
C VAL B 173 8.03 -41.41 4.24
N MET B 174 8.29 -41.95 3.05
CA MET B 174 8.72 -43.35 2.93
C MET B 174 10.17 -43.60 3.35
N THR B 175 10.34 -44.59 4.23
CA THR B 175 11.66 -45.05 4.65
C THR B 175 12.24 -45.94 3.54
N PRO B 176 13.56 -46.19 3.58
CA PRO B 176 14.24 -47.02 2.57
C PRO B 176 13.54 -48.36 2.28
N GLU B 177 13.18 -48.59 1.03
CA GLU B 177 12.42 -49.78 0.65
C GLU B 177 13.17 -51.06 1.03
N MET B 178 12.47 -51.94 1.73
CA MET B 178 13.04 -53.21 2.19
C MET B 178 12.11 -54.37 1.87
N ASN B 179 11.97 -54.70 0.59
CA ASN B 179 11.11 -55.81 0.20
C ASN B 179 11.82 -57.14 0.45
N PHE B 180 11.59 -57.71 1.63
CA PHE B 180 12.24 -58.94 2.04
C PHE B 180 11.23 -60.08 2.09
N SER B 181 11.72 -61.29 1.85
CA SER B 181 10.89 -62.50 1.95
C SER B 181 10.62 -62.78 3.40
N LYS B 182 9.61 -63.60 3.69
CA LYS B 182 9.37 -63.94 5.06
C LYS B 182 10.58 -64.68 5.61
N ARG B 183 11.23 -65.47 4.76
CA ARG B 183 12.38 -66.25 5.19
C ARG B 183 13.52 -65.32 5.60
N GLU B 184 13.70 -64.25 4.82
CA GLU B 184 14.73 -63.27 5.12
C GLU B 184 14.47 -62.52 6.42
N LYS B 185 13.20 -62.20 6.68
CA LYS B 185 12.83 -61.48 7.90
C LYS B 185 12.87 -62.43 9.11
N GLU B 186 12.68 -63.73 8.86
CA GLU B 186 12.81 -64.74 9.90
C GLU B 186 14.25 -64.71 10.41
N ILE B 187 15.17 -64.57 9.47
CA ILE B 187 16.59 -64.56 9.76
C ILE B 187 17.06 -63.29 10.46
N LEU B 188 16.43 -62.15 10.16
CA LEU B 188 16.79 -60.89 10.81
C LEU B 188 16.38 -60.85 12.27
N ARG B 189 15.17 -61.31 12.56
CA ARG B 189 14.66 -61.34 13.92
C ARG B 189 15.59 -62.09 14.85
N TRP B 190 16.21 -63.15 14.34
CA TRP B 190 17.17 -63.93 15.13
C TRP B 190 18.52 -63.23 15.17
N THR B 191 18.87 -62.57 14.07
CA THR B 191 20.08 -61.74 14.03
C THR B 191 19.96 -60.61 15.04
N ALA B 192 18.74 -60.08 15.16
CA ALA B 192 18.48 -58.98 16.07
C ALA B 192 18.55 -59.43 17.52
N GLU B 193 18.47 -60.74 17.75
CA GLU B 193 18.62 -61.29 19.09
C GLU B 193 20.07 -61.63 19.41
N GLY B 194 20.96 -61.41 18.44
CA GLY B 194 22.38 -61.62 18.64
C GLY B 194 22.83 -63.05 18.40
N LYS B 195 22.10 -63.76 17.54
CA LYS B 195 22.46 -65.10 17.14
C LYS B 195 23.48 -65.11 16.00
N THR B 196 24.42 -66.06 16.08
CA THR B 196 25.42 -66.25 15.03
C THR B 196 24.78 -66.90 13.79
N SER B 197 25.44 -66.74 12.64
CA SER B 197 24.96 -67.34 11.40
C SER B 197 24.78 -68.85 11.54
N ALA B 198 25.67 -69.48 12.29
CA ALA B 198 25.61 -70.92 12.54
C ALA B 198 24.40 -71.29 13.39
N GLU B 199 24.10 -70.47 14.38
CA GLU B 199 23.00 -70.75 15.31
C GLU B 199 21.65 -70.61 14.62
N ILE B 200 21.51 -69.61 13.76
CA ILE B 200 20.26 -69.41 13.03
C ILE B 200 20.02 -70.60 12.11
N ALA B 201 21.11 -71.19 11.62
CA ALA B 201 21.02 -72.37 10.78
C ALA B 201 20.44 -73.53 11.60
N MET B 202 20.94 -73.67 12.82
CA MET B 202 20.48 -74.72 13.73
C MET B 202 19.01 -74.55 14.04
N ILE B 203 18.62 -73.30 14.29
CA ILE B 203 17.28 -72.96 14.74
C ILE B 203 16.25 -73.06 13.62
N LEU B 204 16.65 -72.71 12.41
CA LEU B 204 15.72 -72.72 11.28
C LEU B 204 15.86 -74.01 10.48
N SER B 205 16.79 -74.85 10.90
CA SER B 205 17.05 -76.14 10.26
C SER B 205 17.29 -75.97 8.75
N ILE B 206 18.27 -75.13 8.43
CA ILE B 206 18.71 -74.91 7.07
C ILE B 206 20.23 -74.78 7.08
N SER B 207 20.85 -74.89 5.92
CA SER B 207 22.30 -74.78 5.85
C SER B 207 22.76 -73.38 6.22
N GLU B 208 23.92 -73.28 6.86
CA GLU B 208 24.49 -71.99 7.21
C GLU B 208 24.88 -71.24 5.96
N ASN B 209 25.10 -71.98 4.89
CA ASN B 209 25.43 -71.39 3.60
C ASN B 209 24.23 -70.61 3.06
N THR B 210 23.03 -71.12 3.32
CA THR B 210 21.80 -70.50 2.83
C THR B 210 21.44 -69.29 3.69
N VAL B 211 21.82 -69.34 4.96
CA VAL B 211 21.60 -68.21 5.86
C VAL B 211 22.42 -67.02 5.41
N ASN B 212 23.71 -67.23 5.17
CA ASN B 212 24.60 -66.17 4.73
C ASN B 212 24.21 -65.64 3.34
N PHE B 213 23.58 -66.49 2.54
CA PHE B 213 23.11 -66.06 1.22
C PHE B 213 22.01 -65.03 1.35
N HIS B 214 20.99 -65.35 2.15
CA HIS B 214 19.91 -64.41 2.41
C HIS B 214 20.47 -63.14 3.06
N GLN B 215 21.41 -63.31 3.97
CA GLN B 215 22.02 -62.18 4.68
C GLN B 215 22.71 -61.20 3.74
N LYS B 216 23.50 -61.74 2.81
CA LYS B 216 24.23 -60.91 1.86
C LYS B 216 23.33 -60.31 0.79
N ASN B 217 22.26 -61.03 0.45
CA ASN B 217 21.33 -60.56 -0.57
C ASN B 217 20.56 -59.33 -0.07
N MET B 218 20.36 -59.27 1.23
CA MET B 218 19.68 -58.15 1.85
C MET B 218 20.57 -56.92 1.83
N GLN B 219 21.86 -57.14 2.05
CA GLN B 219 22.85 -56.07 2.04
C GLN B 219 23.02 -55.51 0.63
N LYS B 220 22.79 -56.37 -0.37
CA LYS B 220 22.83 -55.96 -1.77
C LYS B 220 21.73 -54.95 -2.08
N LYS B 221 20.49 -55.37 -1.80
CA LYS B 221 19.29 -54.63 -2.19
C LYS B 221 19.06 -53.37 -1.34
N ILE B 222 19.90 -53.18 -0.33
CA ILE B 222 19.86 -52.01 0.54
C ILE B 222 21.13 -51.18 0.44
N ASN B 223 22.18 -51.77 -0.12
CA ASN B 223 23.47 -51.12 -0.18
C ASN B 223 23.89 -50.87 1.27
N ALA B 224 24.35 -51.93 1.92
CA ALA B 224 24.73 -51.88 3.32
C ALA B 224 25.98 -52.71 3.54
N PRO B 225 26.83 -52.28 4.47
CA PRO B 225 28.11 -52.97 4.65
C PRO B 225 27.93 -54.36 5.29
N ASN B 226 27.20 -54.43 6.39
CA ASN B 226 27.06 -55.65 7.18
C ASN B 226 25.61 -55.97 7.55
N LYS B 227 25.40 -57.12 8.17
CA LYS B 227 24.08 -57.52 8.64
C LYS B 227 23.58 -56.67 9.81
N THR B 228 24.49 -55.95 10.46
CA THR B 228 24.13 -55.17 11.63
C THR B 228 23.29 -53.97 11.24
N GLN B 229 23.69 -53.29 10.16
CA GLN B 229 22.99 -52.09 9.73
C GLN B 229 21.61 -52.48 9.25
N VAL B 230 21.52 -53.62 8.57
CA VAL B 230 20.26 -54.12 8.04
C VAL B 230 19.28 -54.46 9.16
N ALA B 231 19.78 -55.12 10.19
CA ALA B 231 18.93 -55.54 11.30
C ALA B 231 18.40 -54.32 12.06
N CYS B 232 19.25 -53.31 12.21
CA CYS B 232 18.88 -52.12 12.96
C CYS B 232 17.91 -51.25 12.17
N TYR B 233 18.11 -51.15 10.86
CA TYR B 233 17.20 -50.41 10.01
C TYR B 233 15.82 -51.07 10.03
N ALA B 234 15.80 -52.39 9.97
CA ALA B 234 14.56 -53.14 10.03
C ALA B 234 13.90 -52.98 11.39
N ALA B 235 14.70 -53.04 12.44
CA ALA B 235 14.20 -52.86 13.81
C ALA B 235 13.72 -51.43 14.02
N ALA B 236 14.47 -50.47 13.49
CA ALA B 236 14.17 -49.05 13.70
C ALA B 236 12.88 -48.66 13.00
N THR B 237 12.58 -49.30 11.87
CA THR B 237 11.38 -48.99 11.10
C THR B 237 10.23 -49.92 11.48
N GLY B 238 10.53 -50.96 12.25
CA GLY B 238 9.51 -51.87 12.73
C GLY B 238 9.13 -52.94 11.74
N LEU B 239 9.94 -53.09 10.68
CA LEU B 239 9.65 -54.09 9.67
C LEU B 239 9.60 -55.50 10.24
N ILE B 240 10.36 -55.75 11.30
CA ILE B 240 10.44 -57.10 11.85
C ILE B 240 9.36 -57.34 12.91
N HIS B 241 8.40 -56.42 12.98
CA HIS B 241 7.16 -56.63 13.75
C HIS B 241 6.22 -55.45 13.52
N GLN C 2 -29.81 1.24 -2.73
CA GLN C 2 -29.50 2.62 -3.06
C GLN C 2 -28.01 2.87 -3.02
N ASP C 3 -27.32 2.19 -2.11
CA ASP C 3 -25.87 2.24 -2.06
C ASP C 3 -25.33 1.84 -3.43
N THR C 4 -25.88 0.76 -3.97
CA THR C 4 -25.45 0.21 -5.25
C THR C 4 -25.75 1.14 -6.42
N ASP C 5 -26.92 1.77 -6.41
CA ASP C 5 -27.30 2.62 -7.53
C ASP C 5 -26.55 3.95 -7.50
N PHE C 6 -25.79 4.18 -6.44
CA PHE C 6 -24.89 5.32 -6.40
C PHE C 6 -23.61 5.02 -7.16
N PHE C 7 -23.05 3.82 -6.94
CA PHE C 7 -21.82 3.42 -7.61
C PHE C 7 -21.98 3.42 -9.12
N SER C 8 -23.15 3.02 -9.58
CA SER C 8 -23.42 2.98 -11.01
C SER C 8 -23.66 4.38 -11.54
N TRP C 9 -24.19 5.25 -10.70
CA TRP C 9 -24.38 6.63 -11.08
C TRP C 9 -22.99 7.18 -11.39
N ARG C 10 -22.04 6.92 -10.50
CA ARG C 10 -20.66 7.36 -10.71
C ARG C 10 -20.10 6.85 -12.03
N ARG C 11 -20.28 5.56 -12.27
CA ARG C 11 -19.63 4.89 -13.39
C ARG C 11 -20.11 5.52 -14.69
N THR C 12 -21.40 5.86 -14.74
CA THR C 12 -21.93 6.52 -15.93
C THR C 12 -21.42 7.97 -16.00
N MET C 13 -21.46 8.66 -14.86
CA MET C 13 -21.03 10.05 -14.80
C MET C 13 -19.55 10.12 -15.20
N LEU C 14 -18.76 9.15 -14.73
CA LEU C 14 -17.36 9.07 -15.11
C LEU C 14 -17.24 8.85 -16.61
N LEU C 15 -18.12 8.01 -17.14
CA LEU C 15 -18.11 7.68 -18.55
C LEU C 15 -18.53 8.92 -19.35
N ARG C 16 -19.52 9.62 -18.81
CA ARG C 16 -20.00 10.86 -19.42
C ARG C 16 -18.89 11.88 -19.53
N PHE C 17 -18.28 12.22 -18.40
CA PHE C 17 -17.34 13.34 -18.34
C PHE C 17 -16.04 13.10 -19.10
N GLN C 18 -15.57 11.86 -19.14
CA GLN C 18 -14.32 11.56 -19.84
C GLN C 18 -14.49 11.63 -21.34
N ARG C 19 -15.73 11.45 -21.80
CA ARG C 19 -16.02 11.40 -23.23
C ARG C 19 -16.81 12.61 -23.74
N MET C 20 -16.90 13.65 -22.93
CA MET C 20 -17.54 14.88 -23.37
C MET C 20 -16.55 15.56 -24.31
N GLU C 21 -17.06 16.21 -25.36
CA GLU C 21 -16.19 16.74 -26.40
C GLU C 21 -16.21 18.27 -26.46
N THR C 22 -17.14 18.88 -25.72
CA THR C 22 -17.28 20.35 -25.72
C THR C 22 -17.55 20.81 -24.29
N ALA C 23 -17.14 22.03 -23.98
CA ALA C 23 -17.29 22.59 -22.63
C ALA C 23 -18.75 22.75 -22.21
N GLU C 24 -19.60 23.19 -23.13
CA GLU C 24 -21.02 23.37 -22.85
C GLU C 24 -21.68 22.10 -22.35
N GLU C 25 -21.15 20.94 -22.74
CA GLU C 25 -21.68 19.66 -22.31
C GLU C 25 -21.46 19.45 -20.82
N VAL C 26 -20.32 19.93 -20.32
CA VAL C 26 -19.99 19.81 -18.91
C VAL C 26 -20.91 20.68 -18.06
N TYR C 27 -21.04 21.95 -18.45
CA TYR C 27 -21.86 22.90 -17.71
C TYR C 27 -23.32 22.47 -17.77
N HIS C 28 -23.67 21.77 -18.85
CA HIS C 28 -25.02 21.26 -19.04
C HIS C 28 -25.31 20.15 -18.03
N GLU C 29 -24.36 19.25 -17.88
CA GLU C 29 -24.49 18.12 -16.96
C GLU C 29 -24.62 18.60 -15.51
N ILE C 30 -23.82 19.59 -15.13
CA ILE C 30 -23.88 20.18 -13.79
C ILE C 30 -25.25 20.81 -13.56
N GLU C 31 -25.76 21.47 -14.58
CA GLU C 31 -27.05 22.15 -14.49
C GLU C 31 -28.19 21.18 -14.20
N LEU C 32 -28.24 20.06 -14.90
CA LEU C 32 -29.28 19.05 -14.66
C LEU C 32 -29.14 18.45 -13.26
N GLN C 33 -27.93 18.01 -12.91
CA GLN C 33 -27.70 17.39 -11.61
C GLN C 33 -28.06 18.38 -10.51
N ALA C 34 -27.73 19.64 -10.74
CA ALA C 34 -28.10 20.71 -9.82
C ALA C 34 -29.61 20.75 -9.67
N GLN C 35 -30.33 20.55 -10.77
CA GLN C 35 -31.78 20.55 -10.75
C GLN C 35 -32.32 19.26 -10.15
N GLN C 36 -31.69 18.15 -10.50
CA GLN C 36 -32.03 16.84 -9.92
C GLN C 36 -31.85 16.85 -8.40
N LEU C 37 -31.00 17.76 -7.92
CA LEU C 37 -30.70 17.88 -6.51
C LEU C 37 -31.45 19.07 -5.90
N GLU C 38 -32.51 19.49 -6.59
CA GLU C 38 -33.43 20.52 -6.10
C GLU C 38 -32.77 21.88 -5.86
N TYR C 39 -31.78 22.21 -6.69
CA TYR C 39 -31.18 23.54 -6.64
C TYR C 39 -31.43 24.27 -7.96
N ASP C 40 -31.73 25.56 -7.85
CA ASP C 40 -32.06 26.38 -9.01
C ASP C 40 -30.80 26.97 -9.63
N TYR C 41 -29.88 27.41 -8.77
CA TYR C 41 -28.68 28.10 -9.21
C TYR C 41 -27.44 27.29 -8.86
N TYR C 42 -26.54 27.15 -9.84
CA TYR C 42 -25.24 26.54 -9.62
C TYR C 42 -24.15 27.56 -9.94
N SER C 43 -22.96 27.36 -9.39
CA SER C 43 -21.83 28.22 -9.69
C SER C 43 -20.51 27.46 -9.54
N LEU C 44 -19.74 27.44 -10.62
CA LEU C 44 -18.45 26.76 -10.65
C LEU C 44 -17.33 27.79 -10.74
N CYS C 45 -16.53 27.88 -9.69
CA CYS C 45 -15.48 28.89 -9.58
C CYS C 45 -14.11 28.24 -9.45
N VAL C 46 -13.10 28.86 -10.05
CA VAL C 46 -11.75 28.32 -10.04
C VAL C 46 -10.71 29.38 -9.69
N ARG C 47 -9.91 29.08 -8.67
CA ARG C 47 -8.80 29.94 -8.27
C ARG C 47 -7.47 29.41 -8.81
N HIS C 48 -6.84 30.15 -9.71
CA HIS C 48 -5.56 29.72 -10.27
C HIS C 48 -4.41 29.97 -9.29
N PRO C 49 -3.33 29.19 -9.42
CA PRO C 49 -2.17 29.35 -8.53
C PRO C 49 -1.26 30.51 -8.94
N VAL C 50 -1.46 31.03 -10.14
CA VAL C 50 -0.65 32.13 -10.65
C VAL C 50 -1.53 33.17 -11.35
N PRO C 51 -1.08 34.43 -11.44
CA PRO C 51 0.18 34.95 -10.87
C PRO C 51 0.18 34.97 -9.35
N PHE C 52 1.37 34.96 -8.77
CA PHE C 52 1.52 34.80 -7.32
C PHE C 52 0.96 35.99 -6.55
N THR C 53 0.96 37.16 -7.18
CA THR C 53 0.60 38.39 -6.48
C THR C 53 -0.88 38.71 -6.58
N ARG C 54 -1.50 38.42 -7.72
CA ARG C 54 -2.93 38.63 -7.87
C ARG C 54 -3.53 37.52 -8.76
N PRO C 55 -3.56 36.28 -8.23
CA PRO C 55 -4.00 35.11 -9.02
C PRO C 55 -5.36 35.27 -9.67
N LYS C 56 -5.45 34.84 -10.93
CA LYS C 56 -6.68 34.94 -11.71
C LYS C 56 -7.77 34.00 -11.20
N VAL C 57 -9.01 34.50 -11.23
CA VAL C 57 -10.17 33.74 -10.82
C VAL C 57 -11.20 33.74 -11.93
N ALA C 58 -11.45 32.56 -12.49
CA ALA C 58 -12.44 32.39 -13.56
C ALA C 58 -13.66 31.66 -13.00
N PHE C 59 -14.82 31.91 -13.60
CA PHE C 59 -16.05 31.31 -13.12
C PHE C 59 -17.10 31.12 -14.21
N TYR C 60 -18.09 30.28 -13.90
CA TYR C 60 -19.23 30.06 -14.77
C TYR C 60 -20.45 29.72 -13.91
N THR C 61 -21.54 30.44 -14.12
CA THR C 61 -22.73 30.26 -13.29
C THR C 61 -24.01 30.64 -14.02
N ASN C 62 -25.14 30.13 -13.50
CA ASN C 62 -26.46 30.52 -13.99
C ASN C 62 -27.18 31.37 -12.94
N TYR C 63 -26.43 32.01 -12.06
CA TYR C 63 -26.98 32.96 -11.10
C TYR C 63 -27.77 34.06 -11.80
N PRO C 64 -28.73 34.68 -11.09
CA PRO C 64 -29.36 35.84 -11.72
C PRO C 64 -28.29 36.90 -11.98
N GLU C 65 -28.23 37.39 -13.20
CA GLU C 65 -27.18 38.31 -13.62
C GLU C 65 -27.14 39.55 -12.73
N ALA C 66 -28.30 39.94 -12.20
CA ALA C 66 -28.38 41.10 -11.34
C ALA C 66 -27.48 40.91 -10.12
N TRP C 67 -27.43 39.69 -9.61
CA TRP C 67 -26.59 39.38 -8.46
C TRP C 67 -25.12 39.32 -8.89
N VAL C 68 -24.86 38.79 -10.09
CA VAL C 68 -23.50 38.72 -10.62
C VAL C 68 -22.92 40.11 -10.77
N SER C 69 -23.65 40.97 -11.45
CA SER C 69 -23.22 42.36 -11.65
C SER C 69 -22.99 43.02 -10.30
N TYR C 70 -23.89 42.73 -9.36
CA TYR C 70 -23.81 43.27 -8.00
C TYR C 70 -22.64 42.67 -7.22
N TYR C 71 -22.46 41.36 -7.37
CA TYR C 71 -21.42 40.63 -6.64
C TYR C 71 -20.02 41.16 -6.96
N GLN C 72 -19.74 41.34 -8.25
CA GLN C 72 -18.44 41.86 -8.68
C GLN C 72 -18.31 43.34 -8.32
N ALA C 73 -19.39 44.09 -8.54
CA ALA C 73 -19.41 45.52 -8.30
C ALA C 73 -19.02 45.85 -6.86
N LYS C 74 -19.60 45.10 -5.92
CA LYS C 74 -19.29 45.29 -4.50
C LYS C 74 -18.01 44.54 -4.12
N ASN C 75 -17.43 43.82 -5.08
CA ASN C 75 -16.18 43.10 -4.87
C ASN C 75 -16.27 42.11 -3.70
N PHE C 76 -17.17 41.15 -3.81
CA PHE C 76 -17.43 40.19 -2.73
C PHE C 76 -16.48 38.99 -2.71
N LEU C 77 -15.78 38.73 -3.81
CA LEU C 77 -14.82 37.63 -3.86
C LEU C 77 -13.75 37.74 -2.79
N ALA C 78 -13.35 38.97 -2.47
CA ALA C 78 -12.23 39.20 -1.56
C ALA C 78 -12.57 38.84 -0.12
N ILE C 79 -13.86 38.58 0.14
CA ILE C 79 -14.34 38.31 1.49
C ILE C 79 -15.32 37.14 1.53
N ASP C 80 -15.48 36.45 0.41
CA ASP C 80 -16.39 35.30 0.34
C ASP C 80 -15.83 34.12 1.11
N PRO C 81 -16.52 33.68 2.18
CA PRO C 81 -16.01 32.53 2.94
C PRO C 81 -16.15 31.22 2.18
N VAL C 82 -17.06 31.19 1.21
CA VAL C 82 -17.31 29.99 0.42
C VAL C 82 -16.10 29.63 -0.44
N LEU C 83 -15.25 30.63 -0.73
CA LEU C 83 -14.06 30.40 -1.55
C LEU C 83 -12.80 30.30 -0.70
N ASN C 84 -12.98 30.15 0.61
CA ASN C 84 -11.86 30.03 1.54
C ASN C 84 -11.75 28.57 2.01
N PRO C 85 -10.72 27.85 1.55
CA PRO C 85 -10.56 26.42 1.90
C PRO C 85 -10.49 26.14 3.40
N GLU C 86 -10.11 27.14 4.19
CA GLU C 86 -9.98 26.97 5.63
C GLU C 86 -11.31 26.55 6.26
N ASN C 87 -12.41 27.06 5.70
CA ASN C 87 -13.74 26.85 6.26
C ASN C 87 -14.35 25.50 5.89
N PHE C 88 -13.63 24.70 5.11
CA PHE C 88 -14.17 23.43 4.59
C PHE C 88 -13.79 22.25 5.47
N SER C 89 -14.41 21.11 5.18
CA SER C 89 -14.10 19.84 5.83
C SER C 89 -14.48 18.70 4.90
N GLN C 90 -13.50 17.85 4.60
CA GLN C 90 -13.68 16.81 3.58
C GLN C 90 -14.02 17.45 2.24
N GLY C 91 -13.57 18.68 2.05
CA GLY C 91 -13.82 19.42 0.83
C GLY C 91 -15.26 19.87 0.68
N HIS C 92 -16.01 19.86 1.77
CA HIS C 92 -17.43 20.22 1.73
C HIS C 92 -17.78 21.34 2.70
N LEU C 93 -18.82 22.09 2.37
CA LEU C 93 -19.24 23.23 3.18
C LEU C 93 -20.72 23.60 2.97
N MET C 94 -21.48 23.61 4.05
CA MET C 94 -22.87 24.03 4.05
C MET C 94 -23.03 25.49 4.51
N TRP C 95 -23.83 26.25 3.79
CA TRP C 95 -24.07 27.66 4.13
C TRP C 95 -24.99 27.81 5.33
N ASN C 96 -24.59 28.69 6.24
CA ASN C 96 -25.41 29.02 7.40
C ASN C 96 -25.07 30.43 7.87
N ASP C 97 -25.95 31.01 8.68
CA ASP C 97 -25.81 32.40 9.10
C ASP C 97 -24.49 32.69 9.83
N ASP C 98 -23.93 31.70 10.51
CA ASP C 98 -22.73 31.91 11.31
C ASP C 98 -21.46 32.08 10.50
N LEU C 99 -21.33 31.33 9.40
CA LEU C 99 -20.13 31.39 8.57
C LEU C 99 -19.88 32.79 7.97
N PHE C 100 -20.96 33.57 7.84
CA PHE C 100 -20.88 34.88 7.22
C PHE C 100 -20.76 35.97 8.28
N ASN C 101 -20.20 35.60 9.42
CA ASN C 101 -19.97 36.51 10.53
C ASN C 101 -19.01 37.64 10.13
N GLU C 102 -18.17 37.35 9.15
CA GLU C 102 -17.16 38.29 8.66
C GLU C 102 -17.65 39.12 7.48
N ALA C 103 -18.66 38.62 6.79
CA ALA C 103 -19.19 39.25 5.58
C ALA C 103 -20.68 39.56 5.72
N GLN C 104 -21.00 40.52 6.57
CA GLN C 104 -22.38 40.96 6.76
C GLN C 104 -23.00 41.46 5.45
N PRO C 105 -22.25 42.24 4.66
CA PRO C 105 -22.82 42.75 3.40
C PRO C 105 -23.19 41.66 2.38
N LEU C 106 -22.42 40.58 2.35
CA LEU C 106 -22.62 39.51 1.38
C LEU C 106 -23.87 38.65 1.63
N TRP C 107 -24.02 38.15 2.86
CA TRP C 107 -25.12 37.23 3.17
C TRP C 107 -26.52 37.80 2.96
N GLU C 108 -26.81 38.94 3.59
CA GLU C 108 -28.12 39.57 3.44
C GLU C 108 -28.37 40.02 2.00
N ALA C 109 -27.32 40.46 1.32
CA ALA C 109 -27.47 40.86 -0.07
C ALA C 109 -27.81 39.64 -0.90
N ALA C 110 -27.25 38.50 -0.54
CA ALA C 110 -27.55 37.24 -1.23
C ALA C 110 -29.00 36.87 -0.90
N ARG C 111 -29.37 37.02 0.35
CA ARG C 111 -30.77 36.79 0.75
C ARG C 111 -31.69 37.73 -0.01
N ALA C 112 -31.24 38.96 -0.21
CA ALA C 112 -32.06 39.97 -0.89
C ALA C 112 -32.28 39.67 -2.36
N HIS C 113 -31.33 38.98 -2.99
CA HIS C 113 -31.43 38.63 -4.41
C HIS C 113 -32.06 37.26 -4.61
N GLY C 114 -32.36 36.58 -3.50
CA GLY C 114 -33.12 35.34 -3.55
C GLY C 114 -32.29 34.09 -3.38
N LEU C 115 -31.16 34.22 -2.68
CA LEU C 115 -30.34 33.06 -2.35
C LEU C 115 -30.47 32.80 -0.86
N ARG C 116 -31.41 31.95 -0.50
CA ARG C 116 -31.73 31.69 0.89
C ARG C 116 -30.79 30.62 1.44
N ARG C 117 -30.70 29.51 0.71
CA ARG C 117 -29.91 28.35 1.09
C ARG C 117 -28.96 27.91 -0.02
N GLY C 118 -27.83 27.35 0.38
CA GLY C 118 -26.87 26.81 -0.57
C GLY C 118 -25.83 25.92 0.07
N VAL C 119 -24.92 25.42 -0.75
CA VAL C 119 -23.89 24.48 -0.31
C VAL C 119 -22.73 24.55 -1.29
N THR C 120 -21.52 24.26 -0.82
CA THR C 120 -20.32 24.33 -1.66
C THR C 120 -19.37 23.15 -1.44
N GLN C 121 -18.82 22.69 -2.57
CA GLN C 121 -17.82 21.63 -2.58
C GLN C 121 -16.58 22.16 -3.26
N TYR C 122 -15.40 21.67 -2.85
CA TYR C 122 -14.16 22.11 -3.46
C TYR C 122 -13.09 21.02 -3.43
N LEU C 123 -12.15 21.10 -4.36
CA LEU C 123 -10.97 20.24 -4.35
C LEU C 123 -9.83 20.92 -5.11
N MET C 124 -8.65 20.32 -5.01
CA MET C 124 -7.47 20.84 -5.69
C MET C 124 -7.11 20.02 -6.95
N LEU C 125 -6.85 20.73 -8.05
CA LEU C 125 -6.56 20.09 -9.33
C LEU C 125 -5.06 19.83 -9.51
N PRO C 126 -4.70 18.95 -10.46
CA PRO C 126 -3.30 18.62 -10.74
C PRO C 126 -2.43 19.83 -11.10
N ASN C 127 -3.03 20.88 -11.65
CA ASN C 127 -2.30 22.12 -11.93
C ASN C 127 -2.35 23.07 -10.72
N ARG C 128 -2.68 22.50 -9.56
CA ARG C 128 -2.75 23.22 -8.29
C ARG C 128 -3.82 24.31 -8.24
N ALA C 129 -4.69 24.35 -9.25
CA ALA C 129 -5.81 25.27 -9.22
C ALA C 129 -6.88 24.75 -8.25
N LEU C 130 -7.53 25.66 -7.53
CA LEU C 130 -8.61 25.31 -6.61
C LEU C 130 -9.98 25.55 -7.22
N GLY C 131 -10.73 24.46 -7.38
CA GLY C 131 -12.06 24.52 -7.96
C GLY C 131 -13.16 24.48 -6.91
N PHE C 132 -14.14 25.38 -7.06
CA PHE C 132 -15.27 25.47 -6.15
C PHE C 132 -16.59 25.34 -6.90
N LEU C 133 -17.43 24.39 -6.47
CA LEU C 133 -18.78 24.25 -7.00
C LEU C 133 -19.79 24.62 -5.93
N SER C 134 -20.65 25.58 -6.23
CA SER C 134 -21.69 26.02 -5.30
C SER C 134 -23.09 25.82 -5.88
N PHE C 135 -23.98 25.28 -5.06
CA PHE C 135 -25.40 25.16 -5.39
C PHE C 135 -26.23 26.06 -4.48
N SER C 136 -27.35 26.57 -4.99
CA SER C 136 -28.23 27.42 -4.20
C SER C 136 -29.70 27.26 -4.62
N ARG C 137 -30.59 27.42 -3.65
CA ARG C 137 -32.03 27.34 -3.88
C ARG C 137 -32.76 28.52 -3.24
N CYS C 138 -33.99 28.75 -3.66
CA CYS C 138 -34.80 29.84 -3.11
C CYS C 138 -35.69 29.28 -2.01
N SER C 139 -36.17 28.05 -2.19
CA SER C 139 -37.02 27.43 -1.18
C SER C 139 -36.14 27.40 0.07
N ALA C 140 -36.70 27.80 1.20
CA ALA C 140 -35.90 28.13 2.38
C ALA C 140 -35.69 27.02 3.41
N ARG C 141 -36.60 26.05 3.40
CA ARG C 141 -36.91 25.28 4.59
C ARG C 141 -35.76 24.64 5.35
N GLU C 142 -35.12 23.67 4.71
CA GLU C 142 -34.51 22.59 5.46
C GLU C 142 -33.07 22.21 5.16
N ILE C 143 -32.66 21.13 5.84
CA ILE C 143 -31.42 20.44 5.54
C ILE C 143 -31.89 19.20 4.78
N PRO C 144 -31.37 18.98 3.56
CA PRO C 144 -31.76 17.78 2.81
C PRO C 144 -30.96 16.51 3.16
N ILE C 145 -31.66 15.38 3.19
CA ILE C 145 -31.07 14.04 3.08
C ILE C 145 -29.75 13.74 3.81
N LEU C 146 -29.66 14.08 5.10
CA LEU C 146 -28.62 13.55 5.98
C LEU C 146 -27.16 13.96 5.75
N SER C 147 -26.86 14.66 4.65
CA SER C 147 -25.49 15.10 4.36
C SER C 147 -24.42 14.00 4.14
N ASP C 148 -24.70 13.02 3.29
CA ASP C 148 -23.67 12.03 2.90
C ASP C 148 -23.68 11.80 1.40
N GLU C 149 -24.86 11.64 0.82
CA GLU C 149 -24.98 11.42 -0.61
C GLU C 149 -24.79 12.74 -1.36
N LEU C 150 -25.16 13.84 -0.71
CA LEU C 150 -25.00 15.16 -1.31
C LEU C 150 -23.52 15.48 -1.41
N GLN C 151 -22.82 15.34 -0.29
CA GLN C 151 -21.38 15.55 -0.23
C GLN C 151 -20.68 14.70 -1.28
N LEU C 152 -21.07 13.45 -1.38
CA LEU C 152 -20.42 12.51 -2.30
C LEU C 152 -20.79 12.80 -3.74
N LYS C 153 -22.03 13.20 -3.97
CA LYS C 153 -22.46 13.56 -5.32
C LYS C 153 -21.70 14.80 -5.75
N MET C 154 -21.62 15.78 -4.86
CA MET C 154 -20.91 17.02 -5.16
C MET C 154 -19.41 16.79 -5.28
N GLN C 155 -18.86 15.88 -4.47
CA GLN C 155 -17.46 15.49 -4.56
C GLN C 155 -17.06 15.07 -5.97
N LEU C 156 -17.91 14.25 -6.59
CA LEU C 156 -17.68 13.79 -7.95
C LEU C 156 -17.90 14.91 -8.97
N LEU C 157 -18.93 15.70 -8.75
CA LEU C 157 -19.33 16.72 -9.73
C LEU C 157 -18.25 17.80 -9.84
N VAL C 158 -17.63 18.18 -8.72
CA VAL C 158 -16.52 19.12 -8.75
C VAL C 158 -15.36 18.56 -9.56
N ARG C 159 -14.98 17.31 -9.28
CA ARG C 159 -13.80 16.70 -9.88
C ARG C 159 -13.91 16.55 -11.39
N GLU C 160 -14.84 15.71 -11.82
CA GLU C 160 -14.89 15.27 -13.21
C GLU C 160 -15.24 16.38 -14.18
N SER C 161 -15.99 17.37 -13.71
CA SER C 161 -16.36 18.49 -14.54
C SER C 161 -15.10 19.31 -14.83
N LEU C 162 -14.34 19.59 -13.79
CA LEU C 162 -13.11 20.36 -13.91
C LEU C 162 -12.04 19.58 -14.66
N MET C 163 -11.99 18.26 -14.45
CA MET C 163 -11.03 17.43 -15.17
C MET C 163 -11.39 17.35 -16.65
N ALA C 164 -12.68 17.26 -16.92
CA ALA C 164 -13.17 17.27 -18.29
C ALA C 164 -12.76 18.58 -18.96
N LEU C 165 -12.92 19.67 -18.23
CA LEU C 165 -12.57 20.99 -18.72
C LEU C 165 -11.07 21.14 -18.93
N MET C 166 -10.28 20.37 -18.19
CA MET C 166 -8.83 20.38 -18.36
C MET C 166 -8.45 19.65 -19.66
N ARG C 167 -9.10 18.51 -19.89
CA ARG C 167 -8.92 17.76 -21.12
C ARG C 167 -9.28 18.58 -22.37
N LEU C 168 -10.25 19.48 -22.21
CA LEU C 168 -10.72 20.32 -23.32
C LEU C 168 -9.96 21.64 -23.47
N ASN C 169 -8.92 21.82 -22.66
CA ASN C 169 -8.11 23.04 -22.68
C ASN C 169 -8.97 24.30 -22.47
N ASP C 170 -9.97 24.21 -21.60
CA ASP C 170 -10.84 25.34 -21.32
C ASP C 170 -10.07 26.40 -20.52
N GLU C 171 -10.38 27.67 -20.76
CA GLU C 171 -9.61 28.76 -20.13
C GLU C 171 -9.89 28.86 -18.63
N ILE C 172 -11.04 28.35 -18.19
CA ILE C 172 -11.45 28.50 -16.80
C ILE C 172 -10.49 27.74 -15.86
N VAL C 173 -9.85 26.69 -16.37
CA VAL C 173 -8.99 25.83 -15.54
C VAL C 173 -7.52 25.87 -15.95
N MET C 174 -7.25 26.13 -17.22
CA MET C 174 -5.89 25.99 -17.75
C MET C 174 -4.93 27.12 -17.35
N THR C 175 -3.80 26.71 -16.78
CA THR C 175 -2.70 27.60 -16.44
C THR C 175 -1.87 27.93 -17.68
N PRO C 176 -1.05 28.99 -17.62
CA PRO C 176 -0.23 29.35 -18.77
C PRO C 176 0.58 28.16 -19.32
N GLU C 177 0.29 27.75 -20.55
CA GLU C 177 0.89 26.57 -21.16
C GLU C 177 2.39 26.72 -21.36
N MET C 178 3.12 25.67 -20.99
CA MET C 178 4.58 25.65 -21.09
C MET C 178 5.09 24.39 -21.80
N ASN C 179 4.89 24.34 -23.12
CA ASN C 179 5.37 23.20 -23.90
C ASN C 179 6.85 23.35 -24.18
N PHE C 180 7.64 22.72 -23.32
CA PHE C 180 9.10 22.78 -23.37
C PHE C 180 9.64 21.44 -23.82
N SER C 181 10.86 21.45 -24.36
CA SER C 181 11.52 20.18 -24.69
C SER C 181 11.87 19.51 -23.37
N LYS C 182 12.09 18.20 -23.40
CA LYS C 182 12.41 17.46 -22.18
C LYS C 182 13.75 17.93 -21.62
N ARG C 183 14.64 18.38 -22.50
CA ARG C 183 15.92 18.94 -22.08
C ARG C 183 15.72 20.31 -21.43
N GLU C 184 14.85 21.12 -22.00
CA GLU C 184 14.57 22.45 -21.46
C GLU C 184 13.98 22.36 -20.06
N LYS C 185 13.16 21.35 -19.84
CA LYS C 185 12.53 21.16 -18.53
C LYS C 185 13.54 20.63 -17.52
N GLU C 186 14.52 19.88 -18.02
CA GLU C 186 15.57 19.33 -17.17
C GLU C 186 16.45 20.41 -16.55
N ILE C 187 16.80 21.43 -17.34
CA ILE C 187 17.66 22.50 -16.84
C ILE C 187 16.87 23.38 -15.86
N LEU C 188 15.56 23.43 -16.02
CA LEU C 188 14.71 24.16 -15.10
C LEU C 188 14.74 23.49 -13.73
N ARG C 189 14.67 22.16 -13.72
CA ARG C 189 14.74 21.41 -12.47
C ARG C 189 16.01 21.80 -11.74
N TRP C 190 17.07 22.01 -12.51
CA TRP C 190 18.37 22.38 -11.96
C TRP C 190 18.41 23.88 -11.65
N THR C 191 17.73 24.67 -12.45
CA THR C 191 17.60 26.10 -12.19
C THR C 191 16.85 26.32 -10.89
N ALA C 192 15.82 25.50 -10.66
CA ALA C 192 15.02 25.60 -9.45
C ALA C 192 15.80 25.12 -8.23
N GLU C 193 16.88 24.37 -8.47
CA GLU C 193 17.76 23.93 -7.40
C GLU C 193 18.90 24.94 -7.18
N GLY C 194 18.92 25.98 -8.01
CA GLY C 194 19.89 27.05 -7.85
C GLY C 194 21.23 26.83 -8.51
N LYS C 195 21.27 26.07 -9.59
CA LYS C 195 22.51 25.89 -10.35
C LYS C 195 22.70 27.05 -11.30
N THR C 196 23.93 27.55 -11.40
CA THR C 196 24.24 28.60 -12.38
C THR C 196 24.32 27.92 -13.74
N SER C 197 24.21 28.70 -14.81
CA SER C 197 24.32 28.17 -16.17
C SER C 197 25.64 27.40 -16.33
N ALA C 198 26.68 27.89 -15.66
CA ALA C 198 27.98 27.24 -15.69
C ALA C 198 27.93 25.86 -15.04
N GLU C 199 27.22 25.76 -13.91
CA GLU C 199 27.12 24.50 -13.17
C GLU C 199 26.28 23.48 -13.93
N ILE C 200 25.20 23.93 -14.53
CA ILE C 200 24.31 23.06 -15.30
C ILE C 200 25.05 22.47 -16.51
N ALA C 201 26.00 23.24 -17.03
CA ALA C 201 26.80 22.80 -18.17
C ALA C 201 27.64 21.56 -17.86
N MET C 202 28.31 21.57 -16.70
CA MET C 202 29.16 20.46 -16.31
C MET C 202 28.41 19.14 -16.13
N ILE C 203 27.24 19.20 -15.51
CA ILE C 203 26.50 17.98 -15.18
C ILE C 203 25.86 17.33 -16.42
N LEU C 204 25.44 18.14 -17.39
CA LEU C 204 24.78 17.66 -18.61
C LEU C 204 25.67 17.51 -19.86
N SER C 205 26.96 17.78 -19.74
CA SER C 205 27.88 17.66 -20.86
C SER C 205 27.47 18.50 -22.07
N ILE C 206 27.29 19.80 -21.86
CA ILE C 206 27.02 20.71 -22.97
C ILE C 206 27.72 22.06 -22.73
N SER C 207 27.90 22.83 -23.79
CA SER C 207 28.53 24.14 -23.69
C SER C 207 27.64 25.13 -22.94
N GLU C 208 28.26 26.07 -22.24
CA GLU C 208 27.53 27.10 -21.51
C GLU C 208 26.81 28.04 -22.47
N ASN C 209 27.25 28.07 -23.71
CA ASN C 209 26.62 28.89 -24.74
C ASN C 209 25.18 28.42 -24.96
N THR C 210 24.99 27.11 -24.91
CA THR C 210 23.67 26.51 -25.16
C THR C 210 22.75 26.58 -23.94
N VAL C 211 23.32 26.57 -22.74
CA VAL C 211 22.52 26.67 -21.53
C VAL C 211 21.81 28.03 -21.48
N ASN C 212 22.59 29.09 -21.69
CA ASN C 212 22.05 30.44 -21.72
C ASN C 212 21.08 30.59 -22.89
N PHE C 213 21.32 29.83 -23.96
CA PHE C 213 20.47 29.84 -25.14
C PHE C 213 19.08 29.26 -24.88
N HIS C 214 19.03 28.05 -24.32
CA HIS C 214 17.76 27.42 -24.00
C HIS C 214 16.93 28.24 -23.02
N GLN C 215 17.58 28.80 -22.01
CA GLN C 215 16.87 29.63 -21.02
C GLN C 215 16.20 30.83 -21.66
N LYS C 216 16.90 31.52 -22.55
CA LYS C 216 16.31 32.68 -23.20
C LYS C 216 15.24 32.21 -24.17
N ASN C 217 15.45 31.05 -24.78
CA ASN C 217 14.46 30.45 -25.67
C ASN C 217 13.25 29.99 -24.87
N MET C 218 13.51 29.62 -23.61
CA MET C 218 12.44 29.21 -22.71
C MET C 218 11.65 30.44 -22.26
N GLN C 219 12.35 31.55 -22.02
CA GLN C 219 11.71 32.80 -21.65
C GLN C 219 10.87 33.38 -22.79
N LYS C 220 11.22 33.02 -24.02
CA LYS C 220 10.47 33.51 -25.18
C LYS C 220 9.00 33.11 -25.15
N LYS C 221 8.75 31.81 -25.08
CA LYS C 221 7.41 31.28 -25.25
C LYS C 221 6.45 31.51 -24.07
N ILE C 222 6.94 32.13 -22.98
CA ILE C 222 6.10 32.33 -21.78
C ILE C 222 5.82 33.80 -21.45
N ASN C 223 6.59 34.72 -22.03
CA ASN C 223 6.52 36.14 -21.70
C ASN C 223 6.92 36.46 -20.25
N ALA C 224 8.22 36.35 -19.97
CA ALA C 224 8.76 36.69 -18.64
C ALA C 224 10.28 36.89 -18.73
N PRO C 225 10.83 37.81 -17.90
CA PRO C 225 12.25 38.21 -17.93
C PRO C 225 13.26 37.20 -17.40
N ASN C 226 13.00 36.55 -16.27
CA ASN C 226 14.05 35.85 -15.55
C ASN C 226 14.10 34.33 -15.64
N LYS C 227 15.23 33.79 -15.18
CA LYS C 227 15.38 32.35 -15.04
C LYS C 227 14.56 31.94 -13.82
N THR C 228 14.30 32.93 -12.98
CA THR C 228 13.57 32.76 -11.73
C THR C 228 12.06 32.65 -11.89
N GLN C 229 11.45 33.55 -12.65
CA GLN C 229 10.00 33.54 -12.80
C GLN C 229 9.54 32.31 -13.58
N VAL C 230 10.31 31.91 -14.58
CA VAL C 230 9.97 30.76 -15.39
C VAL C 230 9.97 29.50 -14.52
N ALA C 231 10.99 29.38 -13.68
CA ALA C 231 11.13 28.22 -12.80
C ALA C 231 10.01 28.18 -11.78
N CYS C 232 9.62 29.35 -11.28
CA CYS C 232 8.59 29.43 -10.24
C CYS C 232 7.20 29.11 -10.78
N TYR C 233 6.89 29.59 -11.99
CA TYR C 233 5.62 29.24 -12.61
C TYR C 233 5.53 27.75 -12.90
N ALA C 234 6.63 27.17 -13.38
CA ALA C 234 6.69 25.74 -13.65
C ALA C 234 6.60 24.96 -12.35
N ALA C 235 7.30 25.44 -11.33
CA ALA C 235 7.27 24.82 -10.01
C ALA C 235 5.88 24.92 -9.39
N ALA C 236 5.25 26.06 -9.59
CA ALA C 236 3.95 26.34 -9.00
C ALA C 236 2.85 25.46 -9.60
N THR C 237 3.01 25.08 -10.87
CA THR C 237 1.99 24.29 -11.57
C THR C 237 2.25 22.78 -11.54
N GLY C 238 3.43 22.38 -11.10
CA GLY C 238 3.78 20.98 -11.00
C GLY C 238 4.28 20.42 -12.33
N LEU C 239 4.51 21.33 -13.28
CA LEU C 239 5.06 20.97 -14.58
C LEU C 239 6.42 20.29 -14.42
N ILE C 240 7.06 20.58 -13.30
CA ILE C 240 8.45 20.18 -13.12
C ILE C 240 8.60 18.73 -12.60
N HIS C 241 7.54 18.10 -12.10
CA HIS C 241 7.66 16.66 -11.82
C HIS C 241 6.39 15.77 -11.79
N HIS C 242 5.44 15.93 -12.74
CA HIS C 242 4.36 14.93 -13.00
C HIS C 242 3.06 15.47 -13.62
N HIS C 243 2.13 14.53 -13.86
CA HIS C 243 0.68 14.75 -13.90
C HIS C 243 0.09 15.48 -15.11
N HIS C 244 0.93 15.97 -16.02
CA HIS C 244 0.44 16.82 -17.10
C HIS C 244 0.83 16.25 -18.48
C1 LAE D . 4.71 -2.70 -2.80
C2 LAE D . 5.69 -3.50 -2.08
O3 LAE D . 6.42 -4.31 -3.08
C4 LAE D . 5.58 -4.51 -4.13
C5 LAE D . 4.65 -3.34 -4.17
O10 LAE D . 5.88 -3.50 -0.88
N11 LAE D . 5.19 -1.39 -2.90
C13 LAE D . 4.87 -0.47 -1.87
C14 LAE D . 5.38 0.96 -1.94
C15 LAE D . 5.15 1.63 -0.60
C18 LAE D . 6.29 1.79 0.39
C19 LAE D . 7.44 0.89 -0.01
C22 LAE D . 8.43 0.83 1.14
C25 LAE D . 7.99 -0.24 2.12
C28 LAE D . 8.93 -1.42 2.02
O35 LAE D . 4.18 -0.83 -0.95
O36 LAE D . 4.05 2.06 -0.32
C1 LAE E . 9.37 -22.73 12.50
C2 LAE E . 8.75 -21.58 13.13
O3 LAE E . 8.40 -20.65 12.04
C4 LAE E . 9.36 -20.78 11.09
C5 LAE E . 10.10 -22.05 11.37
O10 LAE E . 8.56 -21.41 14.31
N11 LAE E . 8.40 -23.56 11.94
C13 LAE E . 8.82 -24.73 11.25
C14 LAE E . 7.82 -25.67 10.61
C15 LAE E . 8.59 -26.78 9.94
C18 LAE E . 9.11 -26.62 8.52
C19 LAE E . 10.62 -26.48 8.52
C22 LAE E . 11.00 -25.15 7.90
C25 LAE E . 10.78 -25.21 6.40
C28 LAE E . 11.23 -23.89 5.79
O35 LAE E . 10.01 -24.99 11.16
O36 LAE E . 8.79 -27.81 10.53
C1 LAE F . -22.05 32.37 -3.06
C2 LAE F . -22.66 33.59 -3.56
O3 LAE F . -23.06 34.43 -2.42
C4 LAE F . -22.70 33.80 -1.27
C5 LAE F . -21.68 32.77 -1.65
O10 LAE F . -22.82 33.88 -4.73
N11 LAE F . -20.90 32.07 -3.78
C13 LAE F . -20.95 31.10 -4.82
C14 LAE F . -19.71 30.77 -5.61
C15 LAE F . -18.92 32.04 -5.80
C18 LAE F . -19.41 33.12 -6.74
C19 LAE F . -18.57 33.10 -8.00
C22 LAE F . -18.58 34.47 -8.63
C25 LAE F . -20.01 34.87 -8.96
C28 LAE F . -20.01 36.19 -9.71
O35 LAE F . -22.00 30.54 -5.08
O36 LAE F . -17.88 32.20 -5.18
#